data_7BHJ
#
_entry.id   7BHJ
#
_cell.length_a   114.420
_cell.length_b   142.200
_cell.length_c   78.430
_cell.angle_alpha   90.000
_cell.angle_beta   114.680
_cell.angle_gamma   90.000
#
_symmetry.space_group_name_H-M   'C 1 2 1'
#
loop_
_entity.id
_entity.type
_entity.pdbx_description
1 polymer '3-hydroxydecanoyl-[acyl-carrier-protein] dehydratase'
2 non-polymer ~{N}-[(5-methylfuran-2-yl)methyl]-5-thiophen-2-yl-4~{H}-1,2,4-triazol-3-amine
3 water water
#
_entity_poly.entity_id   1
_entity_poly.type   'polypeptide(L)'
_entity_poly.pdbx_seq_one_letter_code
;MTKQHAFTREDLLRCSRGELFGPGNAQLPAPNMLMIDRIVHISDVGGKYGKGELVAELDINPDLWFFACHFEGDPVMPGC
LGLDAMWQLVGFYLGWQGNPGRGRALGSGEVKFFGQVLPTAKKVTYNIHIKRTINRSLVLAIADGTVSVDGREIYSAEGL
RVGLFTSTDSF
;
_entity_poly.pdbx_strand_id   A,B,C,D,E
#
# COMPACT_ATOMS: atom_id res chain seq x y z
N THR A 2 -29.52 -17.55 -15.78
CA THR A 2 -29.05 -16.21 -15.28
C THR A 2 -30.28 -15.28 -15.12
N LYS A 3 -31.48 -15.80 -15.31
CA LYS A 3 -32.73 -15.04 -15.62
C LYS A 3 -33.29 -14.35 -14.36
N GLN A 4 -33.13 -14.93 -13.18
CA GLN A 4 -33.89 -14.61 -11.94
C GLN A 4 -32.86 -14.57 -10.82
N HIS A 5 -32.90 -13.57 -9.94
CA HIS A 5 -31.80 -13.24 -8.97
C HIS A 5 -32.25 -13.48 -7.53
N ALA A 6 -33.47 -13.97 -7.34
CA ALA A 6 -34.05 -14.34 -6.02
C ALA A 6 -35.11 -15.44 -6.23
N PHE A 7 -35.28 -16.31 -5.26
CA PHE A 7 -36.15 -17.52 -5.35
C PHE A 7 -36.87 -17.71 -4.02
N THR A 8 -38.18 -17.97 -4.12
CA THR A 8 -39.06 -18.26 -2.98
C THR A 8 -38.97 -19.75 -2.70
N ARG A 9 -39.50 -20.19 -1.57
CA ARG A 9 -39.55 -21.63 -1.23
C ARG A 9 -40.18 -22.42 -2.36
N GLU A 10 -41.25 -21.89 -2.97
CA GLU A 10 -42.01 -22.63 -4.01
C GLU A 10 -41.13 -22.77 -5.25
N ASP A 11 -40.31 -21.76 -5.56
CA ASP A 11 -39.31 -21.85 -6.66
C ASP A 11 -38.36 -23.01 -6.36
N LEU A 12 -37.92 -23.13 -5.10
CA LEU A 12 -36.91 -24.16 -4.72
C LEU A 12 -37.58 -25.52 -4.74
N LEU A 13 -38.83 -25.63 -4.29
CA LEU A 13 -39.59 -26.92 -4.38
C LEU A 13 -39.72 -27.32 -5.86
N ARG A 14 -40.05 -26.36 -6.74
CA ARG A 14 -40.11 -26.63 -8.21
C ARG A 14 -38.72 -27.10 -8.66
N CYS A 15 -37.65 -26.43 -8.20
CA CYS A 15 -36.25 -26.89 -8.51
C CYS A 15 -36.05 -28.34 -8.08
N SER A 16 -36.52 -28.71 -6.89
CA SER A 16 -36.38 -30.10 -6.35
C SER A 16 -37.11 -31.13 -7.22
N ARG A 17 -38.15 -30.71 -7.93
CA ARG A 17 -38.94 -31.60 -8.83
C ARG A 17 -38.27 -31.71 -10.20
N GLY A 18 -37.29 -30.86 -10.51
CA GLY A 18 -36.57 -30.87 -11.80
C GLY A 18 -37.19 -29.90 -12.79
N GLU A 19 -38.05 -29.01 -12.31
CA GLU A 19 -38.96 -28.22 -13.19
C GLU A 19 -38.45 -26.78 -13.24
N LEU A 20 -37.33 -26.46 -12.60
CA LEU A 20 -36.69 -25.11 -12.73
C LEU A 20 -35.64 -25.16 -13.84
N PHE A 21 -34.74 -26.14 -13.83
CA PHE A 21 -33.63 -26.24 -14.81
C PHE A 21 -33.88 -27.39 -15.78
N GLY A 22 -34.99 -28.14 -15.61
CA GLY A 22 -35.36 -29.23 -16.54
C GLY A 22 -34.73 -30.55 -16.12
N PRO A 23 -35.35 -31.70 -16.47
CA PRO A 23 -34.87 -33.00 -16.01
C PRO A 23 -33.45 -33.33 -16.52
N GLY A 24 -32.63 -33.95 -15.66
CA GLY A 24 -31.22 -34.28 -15.99
C GLY A 24 -30.27 -33.11 -15.75
N ASN A 25 -30.79 -31.99 -15.25
CA ASN A 25 -30.00 -30.80 -14.84
C ASN A 25 -30.00 -30.70 -13.32
N ALA A 26 -29.28 -29.73 -12.76
CA ALA A 26 -29.06 -29.62 -11.30
C ALA A 26 -30.41 -29.52 -10.60
N GLN A 27 -30.60 -30.30 -9.54
CA GLN A 27 -31.82 -30.28 -8.69
C GLN A 27 -31.38 -29.99 -7.26
N LEU A 28 -32.13 -29.19 -6.55
CA LEU A 28 -32.07 -29.20 -5.07
C LEU A 28 -32.73 -30.50 -4.60
N PRO A 29 -32.36 -30.98 -3.39
CA PRO A 29 -33.07 -32.10 -2.78
C PRO A 29 -34.46 -31.59 -2.39
N ALA A 30 -35.41 -32.51 -2.24
CA ALA A 30 -36.74 -32.20 -1.63
C ALA A 30 -36.61 -32.37 -0.12
N PRO A 31 -37.59 -31.88 0.68
CA PRO A 31 -37.63 -32.23 2.10
C PRO A 31 -37.55 -33.75 2.24
N ASN A 32 -36.86 -34.26 3.27
CA ASN A 32 -36.30 -33.52 4.39
C ASN A 32 -34.81 -33.17 4.20
N MET A 33 -34.21 -33.44 3.04
CA MET A 33 -32.78 -33.13 2.78
C MET A 33 -32.59 -31.68 2.33
N LEU A 34 -33.63 -31.01 1.83
CA LEU A 34 -33.55 -29.58 1.42
C LEU A 34 -33.18 -28.73 2.63
N MET A 35 -32.14 -27.89 2.56
CA MET A 35 -31.71 -27.11 3.75
C MET A 35 -31.81 -25.61 3.48
N ILE A 36 -32.59 -25.24 2.48
CA ILE A 36 -32.82 -23.84 2.06
C ILE A 36 -34.34 -23.59 1.96
N ASP A 37 -34.79 -22.45 2.48
CA ASP A 37 -36.17 -21.92 2.33
C ASP A 37 -36.22 -20.88 1.20
N ARG A 38 -35.21 -20.01 1.09
CA ARG A 38 -35.21 -18.99 0.01
C ARG A 38 -33.78 -18.62 -0.39
N ILE A 39 -33.60 -18.29 -1.68
CA ILE A 39 -32.38 -17.61 -2.17
C ILE A 39 -32.67 -16.12 -2.30
N VAL A 40 -32.08 -15.31 -1.45
CA VAL A 40 -32.30 -13.84 -1.37
C VAL A 40 -31.50 -13.15 -2.50
N HIS A 41 -30.34 -13.68 -2.87
CA HIS A 41 -29.44 -13.06 -3.88
C HIS A 41 -28.63 -14.15 -4.57
N ILE A 42 -28.62 -14.13 -5.89
CA ILE A 42 -27.66 -14.93 -6.70
C ILE A 42 -27.24 -14.05 -7.87
N SER A 43 -25.93 -14.06 -8.16
CA SER A 43 -25.29 -13.29 -9.26
C SER A 43 -24.04 -14.04 -9.76
N ASP A 44 -23.66 -13.85 -11.03
CA ASP A 44 -22.42 -14.45 -11.62
C ASP A 44 -21.26 -13.44 -11.58
N VAL A 45 -21.48 -12.24 -11.02
CA VAL A 45 -20.43 -11.21 -10.81
C VAL A 45 -20.43 -10.79 -9.33
N GLY A 46 -19.41 -10.07 -8.90
CA GLY A 46 -19.23 -9.68 -7.49
C GLY A 46 -18.88 -10.88 -6.63
N GLY A 47 -19.18 -10.80 -5.34
CA GLY A 47 -18.64 -11.71 -4.33
C GLY A 47 -17.19 -11.40 -4.04
N LYS A 48 -16.63 -12.14 -3.09
CA LYS A 48 -15.26 -12.06 -2.55
C LYS A 48 -14.25 -12.14 -3.70
N TYR A 49 -14.54 -12.88 -4.77
CA TYR A 49 -13.56 -13.23 -5.82
C TYR A 49 -13.99 -12.68 -7.16
N GLY A 50 -15.09 -11.93 -7.19
CA GLY A 50 -15.64 -11.35 -8.43
C GLY A 50 -16.18 -12.40 -9.38
N LYS A 51 -16.44 -13.65 -8.92
CA LYS A 51 -16.90 -14.74 -9.83
C LYS A 51 -18.33 -15.16 -9.46
N GLY A 52 -19.03 -14.38 -8.64
CA GLY A 52 -20.41 -14.66 -8.24
C GLY A 52 -20.61 -14.93 -6.76
N GLU A 53 -21.87 -14.95 -6.34
CA GLU A 53 -22.27 -14.92 -4.91
C GLU A 53 -23.68 -15.53 -4.78
N LEU A 54 -23.94 -16.30 -3.73
CA LEU A 54 -25.31 -16.66 -3.30
C LEU A 54 -25.49 -16.27 -1.84
N VAL A 55 -26.66 -15.72 -1.52
CA VAL A 55 -27.16 -15.52 -0.13
C VAL A 55 -28.53 -16.21 -0.04
N ALA A 56 -28.66 -17.13 0.91
CA ALA A 56 -29.83 -18.02 1.08
C ALA A 56 -30.18 -18.09 2.56
N GLU A 57 -31.41 -18.47 2.88
CA GLU A 57 -31.90 -18.47 4.28
C GLU A 57 -32.66 -19.77 4.55
N LEU A 58 -32.59 -20.25 5.79
CA LEU A 58 -33.41 -21.36 6.32
C LEU A 58 -34.02 -20.84 7.62
N ASP A 59 -35.35 -20.84 7.70
CA ASP A 59 -36.08 -20.46 8.94
C ASP A 59 -35.96 -21.63 9.92
N ILE A 60 -35.69 -21.31 11.17
CA ILE A 60 -35.58 -22.31 12.28
C ILE A 60 -36.83 -22.22 13.17
N ASN A 61 -37.38 -23.37 13.52
CA ASN A 61 -38.41 -23.49 14.59
C ASN A 61 -38.11 -24.80 15.31
N PRO A 62 -38.60 -24.98 16.55
CA PRO A 62 -38.27 -26.17 17.34
C PRO A 62 -38.76 -27.50 16.73
N ASP A 63 -39.60 -27.48 15.71
CA ASP A 63 -40.27 -28.70 15.18
C ASP A 63 -39.56 -29.25 13.93
N LEU A 64 -38.51 -28.58 13.43
CA LEU A 64 -37.69 -29.15 12.32
C LEU A 64 -37.22 -30.54 12.72
N TRP A 65 -37.31 -31.48 11.79
CA TRP A 65 -37.21 -32.94 12.06
C TRP A 65 -35.94 -33.30 12.81
N PHE A 66 -34.81 -32.65 12.47
CA PHE A 66 -33.45 -33.07 12.90
C PHE A 66 -33.28 -32.78 14.41
N PHE A 67 -34.04 -31.84 14.99
CA PHE A 67 -33.89 -31.45 16.42
C PHE A 67 -34.25 -32.61 17.36
N ALA A 68 -35.24 -33.43 17.01
CA ALA A 68 -35.76 -34.53 17.85
C ALA A 68 -34.74 -35.67 17.89
N CYS A 69 -34.14 -36.04 16.76
CA CYS A 69 -33.22 -37.21 16.67
C CYS A 69 -31.74 -36.83 16.88
N HIS A 70 -31.42 -35.53 17.00
CA HIS A 70 -30.01 -35.02 17.00
C HIS A 70 -29.86 -33.87 17.99
N PHE A 71 -29.69 -34.17 19.29
CA PHE A 71 -29.79 -35.48 19.90
C PHE A 71 -30.98 -35.47 20.89
N GLU A 72 -31.48 -36.64 21.29
CA GLU A 72 -32.54 -36.75 22.33
C GLU A 72 -32.01 -36.06 23.60
N GLY A 73 -32.69 -35.04 24.08
CA GLY A 73 -32.31 -34.29 25.29
C GLY A 73 -31.28 -33.23 25.01
N ASP A 74 -30.83 -33.07 23.75
CA ASP A 74 -29.70 -32.15 23.42
C ASP A 74 -29.85 -31.71 21.97
N PRO A 75 -30.94 -31.00 21.62
CA PRO A 75 -31.27 -30.69 20.23
C PRO A 75 -30.25 -29.70 19.64
N VAL A 76 -29.73 -30.01 18.46
CA VAL A 76 -28.79 -29.11 17.73
C VAL A 76 -28.80 -29.48 16.25
N MET A 77 -28.87 -28.48 15.37
CA MET A 77 -28.83 -28.76 13.91
C MET A 77 -27.52 -29.46 13.60
N PRO A 78 -27.55 -30.60 12.90
CA PRO A 78 -26.33 -31.26 12.49
C PRO A 78 -25.46 -30.33 11.64
N GLY A 79 -24.18 -30.18 11.99
CA GLY A 79 -23.21 -29.41 11.18
C GLY A 79 -23.18 -29.89 9.73
N CYS A 80 -23.28 -31.20 9.51
CA CYS A 80 -23.26 -31.84 8.18
C CYS A 80 -24.38 -31.29 7.29
N LEU A 81 -25.52 -30.89 7.85
CA LEU A 81 -26.68 -30.38 7.05
C LEU A 81 -26.47 -28.90 6.72
N GLY A 82 -25.81 -28.14 7.59
CA GLY A 82 -25.37 -26.78 7.27
C GLY A 82 -24.34 -26.79 6.17
N LEU A 83 -23.40 -27.74 6.25
CA LEU A 83 -22.39 -27.95 5.21
C LEU A 83 -23.13 -28.32 3.93
N ASP A 84 -24.10 -29.23 4.01
CA ASP A 84 -24.81 -29.71 2.79
C ASP A 84 -25.55 -28.56 2.10
N ALA A 85 -26.14 -27.64 2.86
CA ALA A 85 -26.81 -26.45 2.29
C ALA A 85 -25.82 -25.72 1.36
N MET A 86 -24.54 -25.65 1.74
CA MET A 86 -23.51 -24.92 0.96
C MET A 86 -23.24 -25.71 -0.32
N TRP A 87 -23.17 -27.05 -0.27
CA TRP A 87 -23.06 -27.89 -1.50
C TRP A 87 -24.32 -27.73 -2.37
N GLN A 88 -25.51 -27.74 -1.76
CA GLN A 88 -26.81 -27.57 -2.47
C GLN A 88 -26.72 -26.24 -3.25
N LEU A 89 -26.25 -25.16 -2.62
CA LEU A 89 -26.25 -23.83 -3.26
C LEU A 89 -25.21 -23.78 -4.39
N VAL A 90 -24.06 -24.44 -4.26
CA VAL A 90 -23.06 -24.44 -5.35
C VAL A 90 -23.63 -25.25 -6.52
N GLY A 91 -24.33 -26.35 -6.25
CA GLY A 91 -25.03 -27.12 -7.30
C GLY A 91 -26.08 -26.28 -8.02
N PHE A 92 -26.91 -25.56 -7.27
CA PHE A 92 -27.94 -24.64 -7.80
C PHE A 92 -27.26 -23.61 -8.71
N TYR A 93 -26.13 -23.06 -8.29
CA TYR A 93 -25.36 -22.05 -9.08
C TYR A 93 -24.99 -22.63 -10.45
N LEU A 94 -24.46 -23.85 -10.48
CA LEU A 94 -24.03 -24.48 -11.76
C LEU A 94 -25.25 -24.65 -12.69
N GLY A 95 -26.39 -25.09 -12.16
CA GLY A 95 -27.65 -25.23 -12.93
C GLY A 95 -28.16 -23.88 -13.40
N TRP A 96 -28.09 -22.88 -12.55
CA TRP A 96 -28.54 -21.50 -12.84
C TRP A 96 -27.72 -20.86 -13.96
N GLN A 97 -26.44 -21.19 -14.08
CA GLN A 97 -25.60 -20.74 -15.22
C GLN A 97 -26.02 -21.40 -16.53
N GLY A 98 -26.84 -22.45 -16.48
CA GLY A 98 -27.34 -23.15 -17.68
C GLY A 98 -26.48 -24.35 -18.05
N ASN A 99 -25.61 -24.84 -17.17
CA ASN A 99 -24.83 -26.06 -17.48
C ASN A 99 -25.74 -27.28 -17.36
N PRO A 100 -25.55 -28.31 -18.20
CA PRO A 100 -26.34 -29.53 -18.12
C PRO A 100 -25.72 -30.52 -17.12
N GLY A 101 -26.54 -31.40 -16.55
CA GLY A 101 -26.11 -32.57 -15.78
C GLY A 101 -26.56 -32.50 -14.33
N ARG A 102 -26.49 -33.65 -13.65
CA ARG A 102 -26.88 -33.85 -12.24
C ARG A 102 -25.70 -33.44 -11.35
N GLY A 103 -26.02 -32.80 -10.22
CA GLY A 103 -25.08 -32.33 -9.19
C GLY A 103 -24.62 -33.44 -8.28
N ARG A 104 -23.30 -33.50 -8.04
CA ARG A 104 -22.69 -34.28 -6.94
C ARG A 104 -21.70 -33.36 -6.21
N ALA A 105 -21.79 -33.34 -4.88
CA ALA A 105 -20.72 -32.78 -4.02
C ALA A 105 -19.43 -33.56 -4.29
N LEU A 106 -18.28 -32.90 -4.48
CA LEU A 106 -16.98 -33.59 -4.69
C LEU A 106 -16.10 -33.45 -3.46
N GLY A 107 -16.43 -32.54 -2.55
CA GLY A 107 -15.73 -32.41 -1.26
C GLY A 107 -15.52 -30.98 -0.87
N SER A 108 -14.49 -30.76 -0.02
CA SER A 108 -14.08 -29.41 0.44
C SER A 108 -12.64 -29.47 0.94
N GLY A 109 -11.98 -28.31 1.00
CA GLY A 109 -10.81 -28.13 1.88
C GLY A 109 -11.30 -28.04 3.31
N GLU A 110 -10.84 -27.07 4.06
CA GLU A 110 -11.09 -26.95 5.51
C GLU A 110 -12.56 -26.64 5.77
N VAL A 111 -13.17 -27.40 6.68
CA VAL A 111 -14.49 -27.10 7.27
C VAL A 111 -14.28 -26.85 8.76
N LYS A 112 -14.88 -25.80 9.29
CA LYS A 112 -14.84 -25.48 10.71
C LYS A 112 -16.26 -25.22 11.21
N PHE A 113 -16.62 -25.83 12.33
CA PHE A 113 -17.86 -25.59 13.09
C PHE A 113 -17.41 -24.99 14.43
N PHE A 114 -17.74 -23.73 14.67
CA PHE A 114 -17.32 -22.99 15.89
C PHE A 114 -18.56 -22.29 16.49
N GLY A 115 -19.72 -22.89 16.34
CA GLY A 115 -20.99 -22.46 16.96
C GLY A 115 -22.09 -23.44 16.58
N GLN A 116 -23.32 -23.22 17.00
CA GLN A 116 -24.41 -24.23 16.83
C GLN A 116 -25.74 -23.52 16.60
N VAL A 117 -26.67 -24.24 16.00
CA VAL A 117 -28.07 -23.82 15.77
C VAL A 117 -28.93 -24.59 16.78
N LEU A 118 -29.42 -23.87 17.79
CA LEU A 118 -30.37 -24.37 18.82
C LEU A 118 -31.80 -24.18 18.32
N PRO A 119 -32.79 -24.93 18.86
CA PRO A 119 -34.19 -24.80 18.42
C PRO A 119 -34.83 -23.46 18.79
N THR A 120 -34.15 -22.61 19.56
CA THR A 120 -34.56 -21.21 19.87
C THR A 120 -34.14 -20.19 18.79
N ALA A 121 -33.36 -20.59 17.77
CA ALA A 121 -32.85 -19.64 16.75
C ALA A 121 -34.00 -19.26 15.80
N LYS A 122 -33.91 -18.12 15.13
CA LYS A 122 -34.93 -17.69 14.12
C LYS A 122 -34.46 -18.11 12.71
N LYS A 123 -33.24 -17.76 12.32
CA LYS A 123 -32.85 -17.82 10.90
C LYS A 123 -31.37 -18.16 10.70
N VAL A 124 -31.13 -19.15 9.85
CA VAL A 124 -29.77 -19.49 9.36
C VAL A 124 -29.57 -18.78 8.01
N THR A 125 -28.42 -18.12 7.83
CA THR A 125 -28.05 -17.48 6.55
C THR A 125 -26.77 -18.12 5.99
N TYR A 126 -26.83 -18.49 4.71
CA TYR A 126 -25.70 -19.02 3.93
C TYR A 126 -25.17 -17.91 3.03
N ASN A 127 -23.86 -17.68 3.07
CA ASN A 127 -23.12 -16.79 2.14
C ASN A 127 -22.13 -17.67 1.39
N ILE A 128 -22.29 -17.79 0.07
CA ILE A 128 -21.43 -18.56 -0.86
C ILE A 128 -20.69 -17.59 -1.77
N HIS A 129 -19.37 -17.67 -1.81
CA HIS A 129 -18.50 -16.93 -2.75
C HIS A 129 -17.90 -17.92 -3.73
N ILE A 130 -18.36 -17.89 -4.98
CA ILE A 130 -17.80 -18.68 -6.10
C ILE A 130 -16.36 -18.21 -6.34
N LYS A 131 -15.42 -19.15 -6.33
CA LYS A 131 -13.97 -18.90 -6.52
C LYS A 131 -13.60 -19.15 -7.98
N ARG A 132 -14.09 -20.25 -8.56
CA ARG A 132 -13.71 -20.68 -9.92
C ARG A 132 -14.75 -21.66 -10.44
N THR A 133 -15.04 -21.61 -11.74
CA THR A 133 -15.74 -22.71 -12.46
C THR A 133 -14.76 -23.26 -13.49
N ILE A 134 -14.79 -24.58 -13.71
CA ILE A 134 -13.91 -25.32 -14.64
C ILE A 134 -14.81 -26.04 -15.64
N ASN A 135 -14.59 -25.85 -16.95
CA ASN A 135 -15.40 -26.43 -18.07
C ASN A 135 -14.52 -27.31 -18.93
N ARG A 136 -13.99 -28.35 -18.28
CA ARG A 136 -13.18 -29.45 -18.86
C ARG A 136 -14.14 -30.56 -19.35
N SER A 137 -13.63 -31.78 -19.41
CA SER A 137 -14.35 -33.08 -19.40
C SER A 137 -15.61 -32.99 -18.52
N LEU A 138 -15.42 -32.65 -17.24
CA LEU A 138 -16.53 -32.44 -16.27
C LEU A 138 -16.54 -30.97 -15.84
N VAL A 139 -17.75 -30.41 -15.72
CA VAL A 139 -18.03 -29.04 -15.25
C VAL A 139 -18.08 -29.05 -13.71
N LEU A 140 -17.34 -28.15 -13.08
CA LEU A 140 -17.38 -28.06 -11.61
C LEU A 140 -17.14 -26.64 -11.16
N ALA A 141 -17.55 -26.38 -9.92
CA ALA A 141 -17.44 -25.09 -9.24
C ALA A 141 -16.70 -25.32 -7.94
N ILE A 142 -15.91 -24.31 -7.56
CA ILE A 142 -15.18 -24.22 -6.28
C ILE A 142 -15.65 -22.92 -5.64
N ALA A 143 -15.96 -22.96 -4.34
CA ALA A 143 -16.52 -21.84 -3.57
C ALA A 143 -16.05 -21.90 -2.12
N ASP A 144 -16.08 -20.74 -1.46
CA ASP A 144 -16.01 -20.62 0.00
C ASP A 144 -17.43 -20.27 0.48
N GLY A 145 -17.75 -20.69 1.69
CA GLY A 145 -19.07 -20.49 2.28
C GLY A 145 -18.97 -20.23 3.76
N THR A 146 -19.95 -19.50 4.30
CA THR A 146 -20.13 -19.35 5.77
C THR A 146 -21.58 -19.62 6.09
N VAL A 147 -21.81 -20.18 7.27
CA VAL A 147 -23.16 -20.33 7.85
C VAL A 147 -23.23 -19.42 9.07
N SER A 148 -24.30 -18.65 9.16
CA SER A 148 -24.58 -17.71 10.26
C SER A 148 -25.98 -17.99 10.83
N VAL A 149 -26.12 -17.82 12.13
CA VAL A 149 -27.44 -17.98 12.80
C VAL A 149 -27.73 -16.63 13.49
N ASP A 150 -28.81 -15.96 13.06
CA ASP A 150 -29.29 -14.70 13.71
C ASP A 150 -28.13 -13.70 13.79
N GLY A 151 -27.38 -13.50 12.71
CA GLY A 151 -26.28 -12.52 12.61
C GLY A 151 -24.88 -13.09 12.90
N ARG A 152 -24.79 -14.24 13.56
CA ARG A 152 -23.50 -14.72 14.13
C ARG A 152 -22.92 -15.83 13.26
N GLU A 153 -21.70 -15.65 12.74
CA GLU A 153 -20.96 -16.68 11.96
C GLU A 153 -20.69 -17.88 12.85
N ILE A 154 -21.00 -19.09 12.39
CA ILE A 154 -20.78 -20.33 13.19
C ILE A 154 -20.03 -21.40 12.39
N TYR A 155 -20.19 -21.49 11.06
CA TYR A 155 -19.44 -22.46 10.21
C TYR A 155 -18.72 -21.74 9.08
N SER A 156 -17.62 -22.32 8.63
CA SER A 156 -16.90 -21.92 7.38
C SER A 156 -16.46 -23.17 6.65
N ALA A 157 -16.42 -23.08 5.33
CA ALA A 157 -15.89 -24.10 4.43
C ALA A 157 -15.06 -23.39 3.35
N GLU A 158 -13.86 -23.85 3.09
CA GLU A 158 -13.00 -23.37 1.99
C GLU A 158 -12.92 -24.47 0.95
N GLY A 159 -12.99 -24.11 -0.32
CA GLY A 159 -12.83 -25.07 -1.42
C GLY A 159 -13.95 -26.10 -1.48
N LEU A 160 -15.19 -25.71 -1.18
CA LEU A 160 -16.38 -26.51 -1.55
C LEU A 160 -16.29 -26.79 -3.04
N ARG A 161 -16.43 -28.06 -3.45
CA ARG A 161 -16.43 -28.48 -4.87
C ARG A 161 -17.72 -29.23 -5.18
N VAL A 162 -18.40 -28.83 -6.25
CA VAL A 162 -19.58 -29.54 -6.78
C VAL A 162 -19.33 -29.77 -8.28
N GLY A 163 -19.68 -30.96 -8.76
CA GLY A 163 -19.54 -31.34 -10.18
C GLY A 163 -20.85 -31.73 -10.79
N LEU A 164 -20.94 -31.55 -12.12
CA LEU A 164 -22.15 -31.90 -12.91
C LEU A 164 -21.84 -33.13 -13.74
N PHE A 165 -22.75 -34.12 -13.72
CA PHE A 165 -22.61 -35.42 -14.41
C PHE A 165 -23.77 -35.57 -15.39
N THR A 166 -23.47 -35.63 -16.69
CA THR A 166 -24.51 -35.74 -17.76
C THR A 166 -24.98 -37.20 -17.83
N SER A 167 -25.95 -37.48 -18.70
CA SER A 167 -26.63 -38.80 -18.83
C SER A 167 -25.61 -39.90 -19.13
N THR A 168 -24.46 -39.60 -19.73
CA THR A 168 -23.43 -40.60 -20.11
C THR A 168 -22.38 -40.76 -19.01
N ASP A 169 -22.38 -39.91 -17.97
CA ASP A 169 -21.33 -39.86 -16.93
C ASP A 169 -21.71 -40.75 -15.73
N SER A 170 -21.03 -41.88 -15.61
CA SER A 170 -21.03 -42.77 -14.41
C SER A 170 -20.12 -42.16 -13.35
N PHE A 171 -20.41 -42.47 -12.10
CA PHE A 171 -19.68 -41.99 -10.90
C PHE A 171 -19.64 -43.10 -9.86
N THR B 2 -13.51 -9.92 31.53
CA THR B 2 -13.59 -11.31 31.02
C THR B 2 -14.90 -11.94 31.51
N LYS B 3 -15.56 -11.35 32.50
CA LYS B 3 -16.84 -11.89 33.04
C LYS B 3 -18.00 -11.49 32.11
N GLN B 4 -17.96 -10.27 31.56
CA GLN B 4 -19.15 -9.69 30.83
C GLN B 4 -19.03 -10.03 29.34
N HIS B 5 -20.03 -10.66 28.75
CA HIS B 5 -19.97 -11.26 27.39
C HIS B 5 -20.89 -10.52 26.41
N ALA B 6 -21.54 -9.44 26.85
CA ALA B 6 -22.40 -8.58 26.00
C ALA B 6 -22.39 -7.16 26.56
N PHE B 7 -22.51 -6.15 25.69
CA PHE B 7 -22.46 -4.72 26.07
C PHE B 7 -23.52 -3.95 25.27
N THR B 8 -24.26 -3.09 25.97
CA THR B 8 -25.34 -2.24 25.41
C THR B 8 -24.71 -0.96 24.88
N ARG B 9 -25.47 -0.18 24.13
CA ARG B 9 -24.99 1.13 23.63
C ARG B 9 -24.43 1.97 24.78
N GLU B 10 -25.11 1.95 25.94
CA GLU B 10 -24.73 2.83 27.08
C GLU B 10 -23.38 2.35 27.62
N ASP B 11 -23.15 1.03 27.64
CA ASP B 11 -21.83 0.47 28.03
C ASP B 11 -20.75 1.00 27.08
N LEU B 12 -21.06 1.08 25.77
CA LEU B 12 -20.06 1.50 24.77
C LEU B 12 -19.82 2.99 24.92
N LEU B 13 -20.88 3.78 25.16
CA LEU B 13 -20.72 5.25 25.41
C LEU B 13 -19.84 5.45 26.67
N ARG B 14 -20.10 4.67 27.74
CA ARG B 14 -19.25 4.73 28.97
C ARG B 14 -17.81 4.38 28.59
N CYS B 15 -17.62 3.35 27.76
CA CYS B 15 -16.27 2.98 27.23
C CYS B 15 -15.63 4.18 26.53
N SER B 16 -16.39 4.91 25.70
CA SER B 16 -15.89 6.08 24.92
C SER B 16 -15.42 7.20 25.86
N ARG B 17 -16.00 7.28 27.06
CA ARG B 17 -15.62 8.30 28.08
C ARG B 17 -14.38 7.87 28.86
N GLY B 18 -13.96 6.60 28.77
CA GLY B 18 -12.81 6.06 29.52
C GLY B 18 -13.22 5.45 30.84
N GLU B 19 -14.51 5.21 31.03
CA GLU B 19 -15.11 4.88 32.34
C GLU B 19 -15.47 3.39 32.37
N LEU B 20 -15.20 2.63 31.30
CA LEU B 20 -15.41 1.16 31.33
C LEU B 20 -14.10 0.47 31.73
N PHE B 21 -12.97 0.84 31.11
CA PHE B 21 -11.66 0.20 31.38
C PHE B 21 -10.77 1.16 32.19
N GLY B 22 -11.22 2.38 32.47
CA GLY B 22 -10.53 3.32 33.38
C GLY B 22 -9.48 4.15 32.66
N PRO B 23 -8.92 5.18 33.33
CA PRO B 23 -8.02 6.12 32.67
C PRO B 23 -6.70 5.48 32.19
N GLY B 24 -6.25 5.90 31.00
CA GLY B 24 -5.03 5.37 30.34
C GLY B 24 -5.29 4.10 29.56
N ASN B 25 -6.53 3.57 29.56
CA ASN B 25 -6.86 2.26 28.96
C ASN B 25 -7.72 2.46 27.71
N ALA B 26 -8.06 1.36 27.03
CA ALA B 26 -8.70 1.36 25.70
C ALA B 26 -10.01 2.14 25.77
N GLN B 27 -10.22 3.04 24.81
CA GLN B 27 -11.51 3.76 24.62
C GLN B 27 -12.05 3.45 23.22
N LEU B 28 -13.33 3.18 23.09
CA LEU B 28 -14.04 3.34 21.81
C LEU B 28 -14.12 4.82 21.48
N PRO B 29 -14.28 5.19 20.19
CA PRO B 29 -14.63 6.55 19.83
C PRO B 29 -16.06 6.83 20.31
N ALA B 30 -16.40 8.09 20.48
CA ALA B 30 -17.79 8.55 20.69
C ALA B 30 -18.39 8.85 19.31
N PRO B 31 -19.73 9.03 19.19
CA PRO B 31 -20.31 9.55 17.96
C PRO B 31 -19.59 10.85 17.56
N ASN B 32 -19.37 11.09 16.25
CA ASN B 32 -19.91 10.34 15.14
C ASN B 32 -18.94 9.27 14.61
N MET B 33 -17.78 9.05 15.25
CA MET B 33 -16.78 8.06 14.78
C MET B 33 -17.12 6.64 15.31
N LEU B 34 -17.93 6.51 16.37
CA LEU B 34 -18.36 5.21 16.92
C LEU B 34 -19.16 4.47 15.85
N MET B 35 -18.81 3.22 15.50
CA MET B 35 -19.51 2.51 14.41
C MET B 35 -20.18 1.25 14.91
N ILE B 36 -20.40 1.18 16.23
CA ILE B 36 -21.05 0.06 16.95
C ILE B 36 -22.17 0.62 17.85
N ASP B 37 -23.33 -0.04 17.85
CA ASP B 37 -24.48 0.20 18.76
C ASP B 37 -24.44 -0.82 19.90
N ARG B 38 -24.09 -2.08 19.65
CA ARG B 38 -24.05 -3.10 20.73
C ARG B 38 -23.04 -4.21 20.38
N ILE B 39 -22.41 -4.76 21.42
CA ILE B 39 -21.63 -6.02 21.32
C ILE B 39 -22.53 -7.14 21.83
N VAL B 40 -22.99 -8.01 20.92
CA VAL B 40 -23.94 -9.10 21.21
C VAL B 40 -23.18 -10.26 21.87
N HIS B 41 -21.92 -10.48 21.52
CA HIS B 41 -21.09 -11.60 22.04
C HIS B 41 -19.63 -11.20 21.97
N ILE B 42 -18.93 -11.37 23.08
CA ILE B 42 -17.45 -11.27 23.14
C ILE B 42 -16.97 -12.37 24.06
N SER B 43 -15.90 -13.08 23.66
CA SER B 43 -15.33 -14.23 24.40
C SER B 43 -13.83 -14.35 24.05
N ASP B 44 -13.00 -14.87 24.96
CA ASP B 44 -11.55 -15.12 24.73
C ASP B 44 -11.32 -16.59 24.33
N VAL B 45 -12.38 -17.40 24.20
CA VAL B 45 -12.32 -18.81 23.71
C VAL B 45 -13.29 -18.97 22.54
N GLY B 46 -13.17 -20.09 21.80
CA GLY B 46 -13.98 -20.35 20.60
C GLY B 46 -13.59 -19.41 19.46
N GLY B 47 -14.54 -19.15 18.55
CA GLY B 47 -14.29 -18.49 17.27
C GLY B 47 -13.55 -19.41 16.31
N LYS B 48 -13.29 -18.90 15.11
CA LYS B 48 -12.68 -19.62 13.97
C LYS B 48 -11.33 -20.22 14.39
N TYR B 49 -10.61 -19.59 15.31
CA TYR B 49 -9.21 -19.96 15.62
C TYR B 49 -9.07 -20.40 17.07
N GLY B 50 -10.18 -20.50 17.78
CA GLY B 50 -10.19 -20.90 19.20
C GLY B 50 -9.53 -19.88 20.12
N LYS B 51 -9.33 -18.64 19.67
CA LYS B 51 -8.62 -17.59 20.44
C LYS B 51 -9.58 -16.44 20.75
N GLY B 52 -10.88 -16.63 20.56
CA GLY B 52 -11.89 -15.61 20.85
C GLY B 52 -12.68 -15.13 19.64
N GLU B 53 -13.75 -14.38 19.91
CA GLU B 53 -14.75 -13.94 18.90
C GLU B 53 -15.45 -12.66 19.41
N LEU B 54 -15.77 -11.72 18.52
CA LEU B 54 -16.76 -10.64 18.78
C LEU B 54 -17.83 -10.68 17.70
N VAL B 55 -19.08 -10.47 18.11
CA VAL B 55 -20.24 -10.17 17.24
C VAL B 55 -20.84 -8.87 17.75
N ALA B 56 -20.99 -7.88 16.87
CA ALA B 56 -21.42 -6.51 17.19
C ALA B 56 -22.38 -6.04 16.11
N GLU B 57 -23.21 -5.05 16.42
CA GLU B 57 -24.26 -4.59 15.48
C GLU B 57 -24.27 -3.06 15.40
N LEU B 58 -24.64 -2.54 14.24
CA LEU B 58 -24.93 -1.11 14.02
C LEU B 58 -26.28 -1.04 13.31
N ASP B 59 -27.25 -0.35 13.92
CA ASP B 59 -28.59 -0.14 13.33
C ASP B 59 -28.46 0.91 12.23
N ILE B 60 -29.11 0.67 11.10
CA ILE B 60 -29.11 1.59 9.93
C ILE B 60 -30.49 2.26 9.82
N ASN B 61 -30.52 3.56 9.55
CA ASN B 61 -31.73 4.27 9.09
C ASN B 61 -31.26 5.32 8.09
N PRO B 62 -32.15 5.85 7.23
CA PRO B 62 -31.74 6.79 6.19
C PRO B 62 -31.12 8.10 6.68
N ASP B 63 -31.22 8.42 7.97
CA ASP B 63 -30.85 9.76 8.51
C ASP B 63 -29.46 9.75 9.14
N LEU B 64 -28.77 8.60 9.19
CA LEU B 64 -27.37 8.55 9.65
C LEU B 64 -26.55 9.55 8.83
N TRP B 65 -25.68 10.31 9.51
CA TRP B 65 -25.00 11.50 8.95
C TRP B 65 -24.28 11.19 7.63
N PHE B 66 -23.65 10.02 7.51
CA PHE B 66 -22.69 9.72 6.41
C PHE B 66 -23.44 9.55 5.09
N PHE B 67 -24.74 9.21 5.13
CA PHE B 67 -25.53 8.95 3.90
C PHE B 67 -25.68 10.22 3.06
N ALA B 68 -25.82 11.39 3.69
CA ALA B 68 -26.07 12.68 2.99
C ALA B 68 -24.81 13.13 2.25
N CYS B 69 -23.63 13.02 2.85
CA CYS B 69 -22.36 13.54 2.26
C CYS B 69 -21.60 12.45 1.44
N HIS B 70 -22.07 11.20 1.42
CA HIS B 70 -21.32 10.04 0.84
C HIS B 70 -22.29 9.09 0.14
N PHE B 71 -22.67 9.37 -1.12
CA PHE B 71 -22.40 10.61 -1.85
C PHE B 71 -23.72 11.33 -2.11
N GLU B 72 -23.70 12.63 -2.42
CA GLU B 72 -24.94 13.40 -2.70
C GLU B 72 -25.66 12.73 -3.86
N GLY B 73 -26.89 12.26 -3.64
CA GLY B 73 -27.70 11.58 -4.67
C GLY B 73 -27.29 10.14 -4.90
N ASP B 74 -26.37 9.61 -4.08
CA ASP B 74 -25.90 8.19 -4.19
C ASP B 74 -25.43 7.72 -2.82
N PRO B 75 -26.36 7.66 -1.83
CA PRO B 75 -26.00 7.38 -0.45
C PRO B 75 -25.49 5.94 -0.28
N VAL B 76 -24.36 5.79 0.41
CA VAL B 76 -23.76 4.48 0.74
C VAL B 76 -22.82 4.66 1.95
N MET B 77 -22.90 3.77 2.92
CA MET B 77 -22.01 3.85 4.12
C MET B 77 -20.58 3.72 3.60
N PRO B 78 -19.68 4.63 4.00
CA PRO B 78 -18.28 4.52 3.64
C PRO B 78 -17.69 3.18 4.11
N GLY B 79 -17.03 2.48 3.19
CA GLY B 79 -16.31 1.22 3.48
C GLY B 79 -15.31 1.41 4.60
N CYS B 80 -14.61 2.54 4.61
CA CYS B 80 -13.57 2.88 5.62
C CYS B 80 -14.16 2.86 7.04
N LEU B 81 -15.45 3.16 7.21
CA LEU B 81 -16.09 3.21 8.55
C LEU B 81 -16.53 1.81 8.98
N GLY B 82 -16.89 0.95 8.03
CA GLY B 82 -17.10 -0.50 8.30
C GLY B 82 -15.79 -1.15 8.72
N LEU B 83 -14.73 -0.80 8.02
CA LEU B 83 -13.37 -1.28 8.37
C LEU B 83 -13.03 -0.77 9.77
N ASP B 84 -13.31 0.52 10.05
CA ASP B 84 -12.93 1.10 11.35
C ASP B 84 -13.66 0.39 12.50
N ALA B 85 -14.93 0.03 12.31
CA ALA B 85 -15.70 -0.74 13.32
C ALA B 85 -14.91 -1.99 13.71
N MET B 86 -14.24 -2.63 12.75
CA MET B 86 -13.52 -3.91 13.00
C MET B 86 -12.29 -3.58 13.84
N TRP B 87 -11.56 -2.49 13.54
CA TRP B 87 -10.43 -2.01 14.41
C TRP B 87 -10.95 -1.62 15.80
N GLN B 88 -12.08 -0.90 15.88
CA GLN B 88 -12.71 -0.50 17.16
C GLN B 88 -12.92 -1.77 17.99
N LEU B 89 -13.47 -2.84 17.40
CA LEU B 89 -13.82 -4.07 18.14
C LEU B 89 -12.55 -4.78 18.61
N VAL B 90 -11.49 -4.81 17.79
CA VAL B 90 -10.24 -5.50 18.20
C VAL B 90 -9.58 -4.70 19.33
N GLY B 91 -9.64 -3.37 19.29
CA GLY B 91 -9.16 -2.53 20.40
C GLY B 91 -9.95 -2.77 21.68
N PHE B 92 -11.28 -2.82 21.58
CA PHE B 92 -12.17 -3.14 22.71
C PHE B 92 -11.76 -4.48 23.31
N TYR B 93 -11.51 -5.48 22.46
CA TYR B 93 -11.11 -6.85 22.91
C TYR B 93 -9.87 -6.76 23.81
N LEU B 94 -8.85 -6.02 23.38
CA LEU B 94 -7.59 -5.93 24.16
C LEU B 94 -7.84 -5.27 25.53
N GLY B 95 -8.66 -4.22 25.59
CA GLY B 95 -9.04 -3.55 26.85
C GLY B 95 -9.85 -4.48 27.73
N TRP B 96 -10.77 -5.23 27.13
CA TRP B 96 -11.67 -6.18 27.83
C TRP B 96 -10.87 -7.33 28.46
N GLN B 97 -9.75 -7.73 27.86
CA GLN B 97 -8.87 -8.78 28.45
C GLN B 97 -8.14 -8.20 29.68
N GLY B 98 -8.17 -6.89 29.90
CA GLY B 98 -7.57 -6.24 31.08
C GLY B 98 -6.15 -5.76 30.81
N ASN B 99 -5.76 -5.60 29.55
CA ASN B 99 -4.44 -4.99 29.22
C ASN B 99 -4.52 -3.50 29.46
N PRO B 100 -3.40 -2.86 29.88
CA PRO B 100 -3.36 -1.40 30.00
C PRO B 100 -2.99 -0.75 28.66
N GLY B 101 -3.39 0.50 28.48
CA GLY B 101 -2.87 1.38 27.41
C GLY B 101 -3.96 1.82 26.45
N ARG B 102 -3.62 2.82 25.64
CA ARG B 102 -4.49 3.45 24.62
C ARG B 102 -4.38 2.63 23.32
N GLY B 103 -5.50 2.48 22.62
CA GLY B 103 -5.64 1.74 21.35
C GLY B 103 -5.15 2.54 20.16
N ARG B 104 -4.32 1.92 19.30
CA ARG B 104 -4.03 2.41 17.94
C ARG B 104 -4.17 1.23 16.95
N ALA B 105 -4.95 1.42 15.90
CA ALA B 105 -4.95 0.54 14.72
C ALA B 105 -3.54 0.52 14.14
N LEU B 106 -2.99 -0.64 13.78
CA LEU B 106 -1.65 -0.74 13.16
C LEU B 106 -1.77 -1.09 11.68
N GLY B 107 -2.95 -1.53 11.25
CA GLY B 107 -3.24 -1.78 9.83
C GLY B 107 -3.96 -3.08 9.61
N SER B 108 -3.82 -3.65 8.42
CA SER B 108 -4.44 -4.93 8.01
C SER B 108 -3.64 -5.53 6.86
N GLY B 109 -3.78 -6.84 6.64
CA GLY B 109 -3.51 -7.47 5.33
C GLY B 109 -4.60 -7.05 4.37
N GLU B 110 -5.11 -7.99 3.62
CA GLU B 110 -6.08 -7.77 2.54
C GLU B 110 -7.41 -7.26 3.11
N VAL B 111 -7.94 -6.19 2.52
CA VAL B 111 -9.32 -5.72 2.73
C VAL B 111 -10.04 -5.83 1.40
N LYS B 112 -11.27 -6.35 1.43
CA LYS B 112 -12.14 -6.44 0.24
C LYS B 112 -13.51 -5.86 0.57
N PHE B 113 -14.00 -5.01 -0.33
CA PHE B 113 -15.39 -4.51 -0.34
C PHE B 113 -16.06 -5.11 -1.58
N PHE B 114 -17.06 -5.95 -1.39
CA PHE B 114 -17.77 -6.64 -2.48
C PHE B 114 -19.29 -6.49 -2.25
N GLY B 115 -19.72 -5.41 -1.63
CA GLY B 115 -21.15 -5.10 -1.39
C GLY B 115 -21.26 -3.76 -0.70
N GLN B 116 -22.46 -3.29 -0.38
CA GLN B 116 -22.64 -1.93 0.19
C GLN B 116 -23.76 -1.91 1.21
N VAL B 117 -23.71 -0.91 2.08
CA VAL B 117 -24.80 -0.57 3.04
C VAL B 117 -25.54 0.65 2.48
N LEU B 118 -26.76 0.42 1.99
CA LEU B 118 -27.69 1.45 1.48
C LEU B 118 -28.55 1.95 2.64
N PRO B 119 -29.16 3.14 2.53
CA PRO B 119 -29.98 3.69 3.61
C PRO B 119 -31.28 2.92 3.86
N THR B 120 -31.62 1.97 2.98
CA THR B 120 -32.79 1.06 3.10
C THR B 120 -32.44 -0.19 3.93
N ALA B 121 -31.19 -0.40 4.32
CA ALA B 121 -30.80 -1.55 5.15
C ALA B 121 -31.28 -1.35 6.58
N LYS B 122 -31.48 -2.45 7.33
CA LYS B 122 -31.87 -2.42 8.76
C LYS B 122 -30.63 -2.49 9.66
N LYS B 123 -29.73 -3.44 9.42
CA LYS B 123 -28.70 -3.78 10.43
C LYS B 123 -27.40 -4.26 9.80
N VAL B 124 -26.30 -3.67 10.26
CA VAL B 124 -24.93 -4.14 9.96
C VAL B 124 -24.47 -5.04 11.10
N THR B 125 -23.91 -6.21 10.78
CA THR B 125 -23.29 -7.11 11.78
C THR B 125 -21.80 -7.28 11.49
N TYR B 126 -20.98 -7.14 12.52
CA TYR B 126 -19.52 -7.38 12.49
C TYR B 126 -19.26 -8.72 13.17
N ASN B 127 -18.50 -9.59 12.49
CA ASN B 127 -18.01 -10.87 13.04
C ASN B 127 -16.48 -10.80 13.03
N ILE B 128 -15.85 -10.79 14.21
CA ILE B 128 -14.38 -10.70 14.40
C ILE B 128 -13.88 -12.02 14.99
N HIS B 129 -12.92 -12.66 14.35
CA HIS B 129 -12.24 -13.88 14.85
C HIS B 129 -10.81 -13.51 15.22
N ILE B 130 -10.53 -13.53 16.52
CA ILE B 130 -9.17 -13.27 17.06
C ILE B 130 -8.28 -14.42 16.62
N LYS B 131 -7.15 -14.09 16.00
CA LYS B 131 -6.19 -15.08 15.46
C LYS B 131 -5.05 -15.28 16.46
N ARG B 132 -4.53 -14.20 17.02
CA ARG B 132 -3.41 -14.22 18.00
C ARG B 132 -3.37 -12.91 18.80
N THR B 133 -2.99 -12.97 20.07
CA THR B 133 -2.57 -11.79 20.87
C THR B 133 -1.09 -11.98 21.23
N ILE B 134 -0.33 -10.90 21.30
CA ILE B 134 1.15 -10.91 21.46
C ILE B 134 1.50 -9.99 22.63
N ASN B 135 2.27 -10.49 23.60
CA ASN B 135 2.84 -9.72 24.75
C ASN B 135 4.37 -9.87 24.68
N LEU B 138 5.35 -4.97 23.56
CA LEU B 138 4.10 -4.23 23.20
C LEU B 138 2.95 -5.21 22.97
N VAL B 139 1.76 -4.87 23.46
CA VAL B 139 0.54 -5.73 23.44
C VAL B 139 -0.21 -5.45 22.15
N LEU B 140 -0.53 -6.50 21.38
CA LEU B 140 -1.33 -6.32 20.15
C LEU B 140 -2.12 -7.59 19.84
N ALA B 141 -3.14 -7.41 19.01
CA ALA B 141 -4.08 -8.46 18.59
C ALA B 141 -4.10 -8.47 17.06
N ILE B 142 -4.23 -9.65 16.50
CA ILE B 142 -4.40 -9.91 15.05
C ILE B 142 -5.72 -10.68 14.90
N ALA B 143 -6.57 -10.25 13.98
CA ALA B 143 -7.91 -10.82 13.76
C ALA B 143 -8.29 -10.79 12.29
N ASP B 144 -9.21 -11.68 11.92
CA ASP B 144 -9.95 -11.62 10.64
C ASP B 144 -11.37 -11.17 10.98
N GLY B 145 -12.01 -10.43 10.08
CA GLY B 145 -13.33 -9.85 10.31
C GLY B 145 -14.14 -9.86 9.04
N THR B 146 -15.47 -9.92 9.18
CA THR B 146 -16.41 -9.70 8.07
C THR B 146 -17.44 -8.66 8.53
N VAL B 147 -17.93 -7.88 7.57
CA VAL B 147 -19.08 -6.98 7.73
C VAL B 147 -20.22 -7.55 6.90
N SER B 148 -21.40 -7.62 7.47
CA SER B 148 -22.63 -8.13 6.83
C SER B 148 -23.76 -7.11 7.01
N VAL B 149 -24.64 -7.05 6.04
CA VAL B 149 -25.83 -6.16 6.09
C VAL B 149 -27.05 -7.04 5.87
N ASP B 150 -27.92 -7.14 6.88
CA ASP B 150 -29.21 -7.89 6.81
C ASP B 150 -28.94 -9.32 6.30
N GLY B 151 -27.95 -10.01 6.85
CA GLY B 151 -27.65 -11.42 6.50
C GLY B 151 -26.50 -11.58 5.53
N ARG B 152 -26.22 -10.55 4.71
CA ARG B 152 -25.36 -10.70 3.51
C ARG B 152 -23.95 -10.17 3.78
N GLU B 153 -22.93 -11.01 3.61
CA GLU B 153 -21.50 -10.65 3.75
C GLU B 153 -21.14 -9.64 2.66
N ILE B 154 -20.49 -8.52 3.01
CA ILE B 154 -20.13 -7.46 2.02
C ILE B 154 -18.66 -7.03 2.12
N TYR B 155 -18.04 -7.06 3.31
CA TYR B 155 -16.60 -6.72 3.46
C TYR B 155 -15.89 -7.85 4.20
N SER B 156 -14.59 -8.00 3.90
CA SER B 156 -13.67 -8.88 4.66
C SER B 156 -12.37 -8.15 4.88
N ALA B 157 -11.74 -8.43 6.01
CA ALA B 157 -10.37 -7.98 6.32
C ALA B 157 -9.61 -9.16 6.92
N GLU B 158 -8.41 -9.39 6.46
CA GLU B 158 -7.48 -10.41 7.03
C GLU B 158 -6.34 -9.67 7.71
N GLY B 159 -5.95 -10.12 8.89
CA GLY B 159 -4.81 -9.56 9.60
C GLY B 159 -5.05 -8.13 10.05
N LEU B 160 -6.26 -7.80 10.50
CA LEU B 160 -6.50 -6.58 11.31
C LEU B 160 -5.53 -6.61 12.48
N ARG B 161 -4.76 -5.54 12.69
CA ARG B 161 -3.80 -5.41 13.81
C ARG B 161 -4.14 -4.16 14.62
N VAL B 162 -4.28 -4.31 15.93
CA VAL B 162 -4.46 -3.18 16.87
C VAL B 162 -3.44 -3.37 17.99
N GLY B 163 -2.83 -2.27 18.42
CA GLY B 163 -1.86 -2.24 19.53
C GLY B 163 -2.37 -1.40 20.69
N LEU B 164 -1.91 -1.71 21.90
CA LEU B 164 -2.13 -0.88 23.10
C LEU B 164 -0.81 -0.19 23.45
N PHE B 165 -0.87 1.11 23.73
CA PHE B 165 0.30 1.97 24.02
C PHE B 165 0.12 2.61 25.39
N THR B 166 1.08 2.38 26.30
CA THR B 166 1.30 3.24 27.50
C THR B 166 2.07 4.49 27.04
N THR C 2 -7.81 15.92 -18.33
CA THR C 2 -6.38 15.52 -18.51
C THR C 2 -5.52 16.77 -18.68
N LYS C 3 -6.13 17.91 -19.07
CA LYS C 3 -5.42 19.21 -19.21
C LYS C 3 -5.18 19.83 -17.83
N GLN C 4 -6.12 19.68 -16.88
CA GLN C 4 -6.03 20.33 -15.54
C GLN C 4 -5.27 19.43 -14.58
N HIS C 5 -4.18 19.93 -14.00
CA HIS C 5 -3.19 19.16 -13.21
C HIS C 5 -3.23 19.58 -11.74
N ALA C 6 -4.16 20.46 -11.34
CA ALA C 6 -4.33 20.91 -9.94
C ALA C 6 -5.80 21.31 -9.71
N PHE C 7 -6.30 21.08 -8.49
CA PHE C 7 -7.71 21.36 -8.12
C PHE C 7 -7.74 22.00 -6.73
N THR C 8 -8.53 23.06 -6.60
CA THR C 8 -8.73 23.81 -5.36
C THR C 8 -9.85 23.12 -4.58
N ARG C 9 -10.02 23.50 -3.33
CA ARG C 9 -11.09 22.98 -2.47
C ARG C 9 -12.44 23.10 -3.19
N GLU C 10 -12.66 24.24 -3.85
CA GLU C 10 -13.98 24.55 -4.46
C GLU C 10 -14.18 23.63 -5.65
N ASP C 11 -13.12 23.29 -6.38
CA ASP C 11 -13.17 22.27 -7.47
C ASP C 11 -13.64 20.93 -6.87
N LEU C 12 -13.12 20.57 -5.69
CA LEU C 12 -13.42 19.28 -5.05
C LEU C 12 -14.87 19.31 -4.54
N LEU C 13 -15.30 20.43 -3.96
CA LEU C 13 -16.71 20.57 -3.52
C LEU C 13 -17.63 20.44 -4.74
N ARG C 14 -17.30 21.09 -5.86
CA ARG C 14 -18.07 20.95 -7.11
C ARG C 14 -18.07 19.47 -7.53
N CYS C 15 -16.93 18.79 -7.45
CA CYS C 15 -16.84 17.33 -7.73
C CYS C 15 -17.83 16.57 -6.83
N SER C 16 -17.91 16.91 -5.54
CA SER C 16 -18.79 16.23 -4.55
C SER C 16 -20.27 16.38 -4.93
N ARG C 17 -20.61 17.47 -5.63
CA ARG C 17 -22.00 17.75 -6.06
C ARG C 17 -22.32 17.01 -7.36
N GLY C 18 -21.33 16.45 -8.06
CA GLY C 18 -21.52 15.76 -9.35
C GLY C 18 -21.32 16.70 -10.53
N GLU C 19 -20.77 17.89 -10.30
CA GLU C 19 -20.77 19.00 -11.27
C GLU C 19 -19.37 19.17 -11.87
N LEU C 20 -18.39 18.34 -11.50
CA LEU C 20 -17.05 18.36 -12.14
C LEU C 20 -17.02 17.33 -13.26
N PHE C 21 -17.45 16.08 -13.00
CA PHE C 21 -17.41 14.99 -14.00
C PHE C 21 -18.82 14.70 -14.53
N GLY C 22 -19.86 15.36 -14.01
CA GLY C 22 -21.23 15.28 -14.52
C GLY C 22 -22.00 14.10 -13.94
N PRO C 23 -23.33 14.03 -14.17
CA PRO C 23 -24.17 13.04 -13.49
C PRO C 23 -23.84 11.59 -13.91
N GLY C 24 -23.87 10.68 -12.95
CA GLY C 24 -23.56 9.24 -13.13
C GLY C 24 -22.07 8.96 -13.07
N ASN C 25 -21.23 9.98 -12.89
CA ASN C 25 -19.75 9.86 -12.93
C ASN C 25 -19.18 10.03 -11.51
N ALA C 26 -17.87 9.90 -11.37
CA ALA C 26 -17.15 9.84 -10.08
C ALA C 26 -17.47 11.09 -9.27
N GLN C 27 -17.82 10.91 -8.01
CA GLN C 27 -18.02 12.01 -7.03
C GLN C 27 -17.07 11.78 -5.86
N LEU C 28 -16.41 12.84 -5.40
CA LEU C 28 -15.82 12.85 -4.05
C LEU C 28 -16.96 12.91 -3.05
N PRO C 29 -16.74 12.49 -1.79
CA PRO C 29 -17.70 12.76 -0.73
C PRO C 29 -17.69 14.27 -0.45
N ALA C 30 -18.77 14.78 0.12
CA ALA C 30 -18.84 16.15 0.69
C ALA C 30 -18.37 16.10 2.14
N PRO C 31 -18.08 17.25 2.78
CA PRO C 31 -17.87 17.25 4.23
C PRO C 31 -19.06 16.58 4.93
N ASN C 32 -18.83 15.84 6.00
CA ASN C 32 -17.58 15.71 6.72
C ASN C 32 -16.75 14.47 6.30
N MET C 33 -17.17 13.73 5.26
CA MET C 33 -16.42 12.51 4.80
C MET C 33 -15.29 12.89 3.83
N LEU C 34 -15.33 14.07 3.20
CA LEU C 34 -14.25 14.57 2.30
C LEU C 34 -12.95 14.69 3.11
N MET C 35 -11.84 14.09 2.66
CA MET C 35 -10.59 14.10 3.46
C MET C 35 -9.47 14.75 2.68
N ILE C 36 -9.84 15.57 1.68
CA ILE C 36 -8.90 16.35 0.83
C ILE C 36 -9.36 17.81 0.80
N ASP C 37 -8.41 18.74 0.92
CA ASP C 37 -8.60 20.20 0.72
C ASP C 37 -8.16 20.59 -0.68
N ARG C 38 -7.06 20.03 -1.20
CA ARG C 38 -6.59 20.38 -2.56
C ARG C 38 -5.80 19.23 -3.19
N ILE C 39 -5.89 19.10 -4.50
CA ILE C 39 -4.99 18.26 -5.32
C ILE C 39 -3.93 19.18 -5.92
N VAL C 40 -2.71 19.05 -5.45
CA VAL C 40 -1.56 19.92 -5.83
C VAL C 40 -1.02 19.45 -7.19
N HIS C 41 -1.06 18.15 -7.46
CA HIS C 41 -0.57 17.55 -8.73
C HIS C 41 -1.34 16.29 -9.03
N ILE C 42 -1.85 16.18 -10.24
CA ILE C 42 -2.41 14.93 -10.81
C ILE C 42 -1.93 14.83 -12.26
N SER C 43 -1.47 13.65 -12.67
CA SER C 43 -0.98 13.35 -14.03
C SER C 43 -1.20 11.86 -14.34
N ASP C 44 -1.36 11.50 -15.62
CA ASP C 44 -1.51 10.10 -16.10
C ASP C 44 -0.15 9.55 -16.59
N VAL C 45 0.93 10.34 -16.49
CA VAL C 45 2.32 9.89 -16.79
C VAL C 45 3.22 10.17 -15.57
N GLY C 46 4.42 9.60 -15.56
CA GLY C 46 5.36 9.70 -14.43
C GLY C 46 4.85 8.95 -13.22
N GLY C 47 5.28 9.37 -12.03
CA GLY C 47 5.12 8.62 -10.76
C GLY C 47 6.05 7.41 -10.73
N LYS C 48 5.96 6.65 -9.64
CA LYS C 48 6.84 5.50 -9.31
C LYS C 48 6.81 4.48 -10.45
N TYR C 49 5.67 4.34 -11.13
CA TYR C 49 5.43 3.21 -12.07
C TYR C 49 5.21 3.74 -13.48
N GLY C 50 5.38 5.04 -13.69
CA GLY C 50 5.19 5.68 -15.00
C GLY C 50 3.75 5.65 -15.46
N LYS C 51 2.77 5.39 -14.58
CA LYS C 51 1.35 5.25 -14.95
C LYS C 51 0.53 6.36 -14.29
N GLY C 52 1.18 7.39 -13.75
CA GLY C 52 0.51 8.54 -13.12
C GLY C 52 0.77 8.67 -11.62
N GLU C 53 0.32 9.81 -11.07
CA GLU C 53 0.64 10.26 -9.71
C GLU C 53 -0.42 11.27 -9.25
N LEU C 54 -0.80 11.24 -7.97
CA LEU C 54 -1.54 12.34 -7.30
C LEU C 54 -0.73 12.76 -6.07
N VAL C 55 -0.70 14.07 -5.82
CA VAL C 55 -0.25 14.71 -4.57
C VAL C 55 -1.38 15.62 -4.12
N ALA C 56 -1.85 15.46 -2.88
CA ALA C 56 -3.06 16.12 -2.34
C ALA C 56 -2.78 16.48 -0.89
N GLU C 57 -3.51 17.45 -0.35
CA GLU C 57 -3.25 17.99 1.01
C GLU C 57 -4.57 18.09 1.78
N LEU C 58 -4.49 17.90 3.08
CA LEU C 58 -5.58 18.21 4.04
C LEU C 58 -4.96 19.09 5.14
N ASP C 59 -5.50 20.28 5.33
CA ASP C 59 -5.06 21.20 6.41
C ASP C 59 -5.63 20.67 7.72
N ILE C 60 -4.81 20.68 8.76
CA ILE C 60 -5.20 20.23 10.12
C ILE C 60 -5.34 21.46 11.02
N ASN C 61 -6.41 21.51 11.80
CA ASN C 61 -6.56 22.44 12.94
C ASN C 61 -7.22 21.66 14.08
N PRO C 62 -7.08 22.13 15.34
CA PRO C 62 -7.57 21.37 16.49
C PRO C 62 -9.07 21.12 16.49
N ASP C 63 -9.85 21.82 15.66
CA ASP C 63 -11.33 21.82 15.75
C ASP C 63 -11.96 20.88 14.70
N LEU C 64 -11.17 20.20 13.87
CA LEU C 64 -11.73 19.20 12.92
C LEU C 64 -12.57 18.19 13.70
N TRP C 65 -13.72 17.82 13.18
CA TRP C 65 -14.80 17.12 13.94
C TRP C 65 -14.28 15.85 14.61
N PHE C 66 -13.40 15.10 13.94
CA PHE C 66 -13.02 13.72 14.35
C PHE C 66 -12.15 13.77 15.61
N PHE C 67 -11.47 14.88 15.89
CA PHE C 67 -10.54 14.99 17.05
C PHE C 67 -11.31 14.89 18.38
N ALA C 68 -12.52 15.44 18.46
CA ALA C 68 -13.31 15.51 19.72
C ALA C 68 -13.82 14.11 20.10
N CYS C 69 -14.31 13.32 19.11
CA CYS C 69 -14.93 12.00 19.37
C CYS C 69 -13.93 10.85 19.27
N HIS C 70 -12.68 11.10 18.88
CA HIS C 70 -11.67 10.05 18.55
C HIS C 70 -10.29 10.47 19.03
N PHE C 71 -9.98 10.26 20.32
CA PHE C 71 -10.89 9.83 21.38
C PHE C 71 -11.02 10.95 22.43
N GLU C 72 -12.06 10.91 23.27
CA GLU C 72 -12.23 11.91 24.37
C GLU C 72 -10.98 11.85 25.25
N GLY C 73 -10.27 12.98 25.36
CA GLY C 73 -9.04 13.09 26.17
C GLY C 73 -7.82 12.54 25.47
N ASP C 74 -7.93 12.12 24.20
CA ASP C 74 -6.80 11.49 23.44
C ASP C 74 -7.06 11.68 21.95
N PRO C 75 -7.06 12.96 21.48
CA PRO C 75 -7.44 13.26 20.11
C PRO C 75 -6.39 12.73 19.11
N VAL C 76 -6.86 12.04 18.06
CA VAL C 76 -5.98 11.55 16.97
C VAL C 76 -6.82 11.29 15.72
N MET C 77 -6.36 11.72 14.56
CA MET C 77 -7.11 11.50 13.30
C MET C 77 -7.26 9.99 13.12
N PRO C 78 -8.48 9.50 12.88
CA PRO C 78 -8.67 8.07 12.60
C PRO C 78 -7.84 7.68 11.36
N GLY C 79 -7.05 6.61 11.49
CA GLY C 79 -6.29 6.01 10.38
C GLY C 79 -7.21 5.70 9.20
N CYS C 80 -8.42 5.21 9.47
CA CYS C 80 -9.42 4.81 8.44
C CYS C 80 -9.74 5.99 7.52
N LEU C 81 -9.67 7.24 8.01
CA LEU C 81 -10.02 8.45 7.22
C LEU C 81 -8.82 8.87 6.37
N GLY C 82 -7.60 8.64 6.85
CA GLY C 82 -6.38 8.81 6.01
C GLY C 82 -6.37 7.78 4.89
N LEU C 83 -6.73 6.56 5.21
CA LEU C 83 -6.87 5.48 4.21
C LEU C 83 -7.95 5.91 3.20
N ASP C 84 -9.09 6.43 3.70
CA ASP C 84 -10.21 6.77 2.79
C ASP C 84 -9.80 7.88 1.82
N ALA C 85 -9.01 8.85 2.26
CA ALA C 85 -8.49 9.92 1.38
C ALA C 85 -7.80 9.27 0.18
N MET C 86 -7.06 8.18 0.40
CA MET C 86 -6.29 7.53 -0.68
C MET C 86 -7.28 6.87 -1.66
N TRP C 87 -8.35 6.23 -1.16
CA TRP C 87 -9.43 5.71 -2.05
C TRP C 87 -10.13 6.86 -2.79
N GLN C 88 -10.43 7.95 -2.09
CA GLN C 88 -11.08 9.15 -2.68
C GLN C 88 -10.21 9.61 -3.87
N LEU C 89 -8.89 9.70 -3.70
CA LEU C 89 -7.97 10.21 -4.75
C LEU C 89 -7.92 9.23 -5.93
N VAL C 90 -7.93 7.93 -5.69
CA VAL C 90 -7.84 6.96 -6.81
C VAL C 90 -9.17 7.01 -7.58
N GLY C 91 -10.30 7.18 -6.89
CA GLY C 91 -11.61 7.37 -7.55
C GLY C 91 -11.63 8.63 -8.40
N PHE C 92 -11.13 9.74 -7.85
CA PHE C 92 -11.00 11.03 -8.57
C PHE C 92 -10.18 10.80 -9.85
N TYR C 93 -9.06 10.08 -9.74
CA TYR C 93 -8.18 9.79 -10.90
C TYR C 93 -8.97 9.13 -12.02
N LEU C 94 -9.78 8.12 -11.71
CA LEU C 94 -10.56 7.38 -12.75
C LEU C 94 -11.57 8.32 -13.43
N GLY C 95 -12.24 9.18 -12.67
CA GLY C 95 -13.18 10.18 -13.21
C GLY C 95 -12.45 11.22 -14.06
N TRP C 96 -11.28 11.66 -13.60
CA TRP C 96 -10.43 12.67 -14.26
C TRP C 96 -9.92 12.14 -15.61
N GLN C 97 -9.68 10.84 -15.75
CA GLN C 97 -9.27 10.23 -17.05
C GLN C 97 -10.46 10.23 -18.02
N GLY C 98 -11.68 10.52 -17.55
CA GLY C 98 -12.89 10.66 -18.39
C GLY C 98 -13.67 9.36 -18.46
N ASN C 99 -13.45 8.40 -17.56
CA ASN C 99 -14.24 7.16 -17.51
C ASN C 99 -15.63 7.49 -16.95
N PRO C 100 -16.67 6.79 -17.40
CA PRO C 100 -18.01 6.96 -16.84
C PRO C 100 -18.22 6.04 -15.63
N GLY C 101 -19.15 6.41 -14.74
CA GLY C 101 -19.64 5.55 -13.66
C GLY C 101 -19.31 6.08 -12.29
N ARG C 102 -19.99 5.50 -11.29
CA ARG C 102 -19.89 5.86 -9.86
C ARG C 102 -18.69 5.11 -9.26
N GLY C 103 -17.96 5.78 -8.36
CA GLY C 103 -16.80 5.22 -7.64
C GLY C 103 -17.19 4.31 -6.48
N ARG C 104 -16.58 3.13 -6.39
CA ARG C 104 -16.59 2.28 -5.17
C ARG C 104 -15.17 1.80 -4.89
N ALA C 105 -14.68 2.01 -3.67
CA ALA C 105 -13.47 1.35 -3.14
C ALA C 105 -13.68 -0.17 -3.21
N LEU C 106 -12.70 -0.93 -3.66
CA LEU C 106 -12.79 -2.41 -3.72
C LEU C 106 -11.89 -3.03 -2.65
N GLY C 107 -10.97 -2.26 -2.07
CA GLY C 107 -10.13 -2.71 -0.95
C GLY C 107 -8.69 -2.31 -1.11
N SER C 108 -7.79 -3.07 -0.50
CA SER C 108 -6.33 -2.89 -0.56
C SER C 108 -5.63 -4.18 -0.20
N GLY C 109 -4.35 -4.32 -0.60
CA GLY C 109 -3.41 -5.25 0.04
C GLY C 109 -3.07 -4.71 1.42
N GLU C 110 -1.80 -4.69 1.74
CA GLU C 110 -1.29 -4.29 3.08
C GLU C 110 -1.57 -2.81 3.35
N VAL C 111 -2.16 -2.51 4.51
CA VAL C 111 -2.23 -1.15 5.08
C VAL C 111 -1.44 -1.15 6.38
N LYS C 112 -0.61 -0.13 6.57
CA LYS C 112 0.20 0.04 7.79
C LYS C 112 0.03 1.47 8.31
N PHE C 113 -0.22 1.58 9.60
CA PHE C 113 -0.23 2.83 10.38
C PHE C 113 0.96 2.77 11.33
N PHE C 114 1.95 3.63 11.15
CA PHE C 114 3.19 3.65 11.97
C PHE C 114 3.45 5.11 12.39
N GLY C 115 2.40 5.89 12.61
CA GLY C 115 2.49 7.27 13.11
C GLY C 115 1.10 7.85 13.24
N GLN C 116 0.96 9.10 13.66
CA GLN C 116 -0.38 9.68 13.92
C GLN C 116 -0.44 11.16 13.54
N VAL C 117 -1.65 11.63 13.32
CA VAL C 117 -1.98 13.06 13.12
C VAL C 117 -2.65 13.54 14.43
N LEU C 118 -1.91 14.36 15.18
CA LEU C 118 -2.37 15.07 16.40
C LEU C 118 -3.02 16.40 16.00
N PRO C 119 -3.87 16.99 16.85
CA PRO C 119 -4.52 18.26 16.54
C PRO C 119 -3.56 19.47 16.42
N THR C 120 -2.30 19.29 16.83
CA THR C 120 -1.21 20.30 16.72
C THR C 120 -0.51 20.25 15.36
N ALA C 121 -0.82 19.28 14.50
CA ALA C 121 -0.19 19.18 13.15
C ALA C 121 -0.73 20.28 12.24
N LYS C 122 0.04 20.68 11.22
CA LYS C 122 -0.39 21.70 10.22
C LYS C 122 -1.04 21.03 9.01
N LYS C 123 -0.37 20.04 8.40
CA LYS C 123 -0.77 19.58 7.05
C LYS C 123 -0.48 18.10 6.85
N VAL C 124 -1.50 17.40 6.36
CA VAL C 124 -1.38 16.01 5.86
C VAL C 124 -1.16 16.05 4.36
N THR C 125 -0.19 15.29 3.86
CA THR C 125 0.05 15.12 2.40
C THR C 125 -0.16 13.66 1.99
N TYR C 126 -0.93 13.45 0.93
CA TYR C 126 -1.15 12.15 0.27
C TYR C 126 -0.32 12.10 -1.00
N ASN C 127 0.46 11.02 -1.16
CA ASN C 127 1.23 10.71 -2.38
C ASN C 127 0.70 9.37 -2.90
N ILE C 128 0.03 9.38 -4.05
CA ILE C 128 -0.58 8.19 -4.72
C ILE C 128 0.20 7.89 -5.99
N HIS C 129 0.69 6.67 -6.12
CA HIS C 129 1.34 6.17 -7.36
C HIS C 129 0.41 5.14 -8.00
N ILE C 130 -0.14 5.50 -9.15
CA ILE C 130 -0.98 4.58 -9.98
C ILE C 130 -0.06 3.47 -10.50
N LYS C 131 -0.43 2.22 -10.25
CA LYS C 131 0.33 1.03 -10.65
C LYS C 131 -0.24 0.47 -11.96
N ARG C 132 -1.56 0.39 -12.07
CA ARG C 132 -2.26 -0.16 -13.26
C ARG C 132 -3.71 0.34 -13.29
N THR C 133 -4.24 0.58 -14.48
CA THR C 133 -5.71 0.71 -14.73
C THR C 133 -6.12 -0.46 -15.63
N ILE C 134 -7.33 -0.96 -15.43
CA ILE C 134 -7.92 -2.11 -16.19
C ILE C 134 -9.23 -1.62 -16.81
N ASN C 135 -9.39 -1.75 -18.14
CA ASN C 135 -10.58 -1.31 -18.92
C ASN C 135 -11.15 -2.53 -19.64
N ARG C 136 -11.52 -3.54 -18.87
CA ARG C 136 -12.24 -4.75 -19.35
C ARG C 136 -13.75 -4.50 -19.21
N SER C 137 -14.50 -5.56 -18.89
CA SER C 137 -15.85 -5.55 -18.27
C SER C 137 -16.02 -4.31 -17.36
N LEU C 138 -15.17 -4.17 -16.34
CA LEU C 138 -15.24 -3.09 -15.34
C LEU C 138 -13.94 -2.25 -15.38
N VAL C 139 -14.07 -0.95 -15.19
CA VAL C 139 -12.94 0.02 -15.11
C VAL C 139 -12.45 0.09 -13.66
N LEU C 140 -11.16 -0.13 -13.43
CA LEU C 140 -10.60 -0.02 -12.06
C LEU C 140 -9.13 0.35 -12.10
N ALA C 141 -8.67 0.87 -10.97
CA ALA C 141 -7.30 1.39 -10.78
C ALA C 141 -6.73 0.70 -9.54
N ILE C 142 -5.43 0.41 -9.60
CA ILE C 142 -4.62 -0.17 -8.51
C ILE C 142 -3.48 0.82 -8.30
N ALA C 143 -3.23 1.18 -7.04
CA ALA C 143 -2.25 2.22 -6.65
C ALA C 143 -1.60 1.86 -5.32
N ASP C 144 -0.40 2.39 -5.12
CA ASP C 144 0.26 2.46 -3.79
C ASP C 144 0.16 3.92 -3.31
N GLY C 145 0.07 4.11 -2.01
CA GLY C 145 -0.13 5.43 -1.42
C GLY C 145 0.57 5.56 -0.11
N THR C 146 0.99 6.79 0.24
CA THR C 146 1.53 7.11 1.57
C THR C 146 0.80 8.34 2.09
N VAL C 147 0.62 8.38 3.41
CA VAL C 147 0.12 9.58 4.13
C VAL C 147 1.29 10.10 4.95
N SER C 148 1.53 11.41 4.86
CA SER C 148 2.59 12.12 5.61
C SER C 148 1.97 13.29 6.38
N VAL C 149 2.52 13.57 7.54
CA VAL C 149 2.07 14.73 8.35
C VAL C 149 3.31 15.62 8.56
N ASP C 150 3.29 16.85 8.06
CA ASP C 150 4.37 17.85 8.27
C ASP C 150 5.73 17.21 7.91
N GLY C 151 5.84 16.54 6.75
CA GLY C 151 7.08 15.96 6.22
C GLY C 151 7.32 14.50 6.59
N ARG C 152 6.62 13.96 7.58
CA ARG C 152 6.92 12.62 8.13
C ARG C 152 5.91 11.59 7.60
N GLU C 153 6.39 10.53 6.93
CA GLU C 153 5.57 9.39 6.45
C GLU C 153 4.98 8.67 7.66
N ILE C 154 3.66 8.42 7.68
CA ILE C 154 3.00 7.75 8.85
C ILE C 154 2.11 6.56 8.44
N TYR C 155 1.49 6.58 7.25
CA TYR C 155 0.67 5.43 6.75
C TYR C 155 1.16 5.04 5.36
N SER C 156 0.99 3.76 5.02
CA SER C 156 1.22 3.20 3.67
C SER C 156 0.09 2.23 3.36
N ALA C 157 -0.24 2.16 2.07
CA ALA C 157 -1.18 1.16 1.53
C ALA C 157 -0.60 0.66 0.21
N GLU C 158 -0.58 -0.64 0.03
CA GLU C 158 -0.19 -1.28 -1.25
C GLU C 158 -1.46 -1.89 -1.85
N GLY C 159 -1.63 -1.73 -3.16
CA GLY C 159 -2.77 -2.34 -3.87
C GLY C 159 -4.09 -1.74 -3.47
N LEU C 160 -4.15 -0.42 -3.21
CA LEU C 160 -5.46 0.30 -3.18
C LEU C 160 -6.18 0.00 -4.49
N ARG C 161 -7.44 -0.45 -4.43
CA ARG C 161 -8.27 -0.74 -5.62
C ARG C 161 -9.55 0.08 -5.54
N VAL C 162 -9.87 0.80 -6.62
CA VAL C 162 -11.15 1.54 -6.78
C VAL C 162 -11.72 1.18 -8.14
N GLY C 163 -13.04 0.98 -8.21
CA GLY C 163 -13.76 0.66 -9.45
C GLY C 163 -14.78 1.73 -9.78
N LEU C 164 -15.10 1.86 -11.07
CA LEU C 164 -16.23 2.66 -11.57
C LEU C 164 -17.35 1.72 -12.00
N PHE C 165 -18.58 2.04 -11.60
CA PHE C 165 -19.81 1.23 -11.83
C PHE C 165 -20.82 2.09 -12.59
N THR C 166 -21.16 1.68 -13.82
CA THR C 166 -22.15 2.36 -14.69
C THR C 166 -23.55 1.92 -14.23
N SER C 167 -24.60 2.48 -14.83
CA SER C 167 -26.01 2.23 -14.44
C SER C 167 -26.40 0.75 -14.63
N THR C 168 -25.65 0.00 -15.46
CA THR C 168 -25.89 -1.43 -15.77
C THR C 168 -25.21 -2.33 -14.71
N ASP C 169 -24.25 -1.77 -13.97
CA ASP C 169 -23.43 -2.45 -12.92
C ASP C 169 -24.07 -2.18 -11.55
N SER C 170 -24.70 -3.19 -10.93
CA SER C 170 -25.08 -3.18 -9.49
C SER C 170 -24.05 -3.98 -8.69
N PHE C 171 -23.90 -3.65 -7.41
CA PHE C 171 -22.72 -3.99 -6.56
C PHE C 171 -23.20 -4.39 -5.17
N THR D 2 20.81 6.78 21.89
CA THR D 2 19.42 6.21 21.81
C THR D 2 18.46 7.14 22.56
N LYS D 3 18.97 8.01 23.43
CA LYS D 3 18.15 8.99 24.19
C LYS D 3 17.79 10.18 23.28
N GLN D 4 18.72 10.60 22.41
CA GLN D 4 18.53 11.81 21.56
C GLN D 4 17.82 11.44 20.25
N HIS D 5 16.67 12.07 19.99
CA HIS D 5 15.75 11.71 18.89
C HIS D 5 15.74 12.80 17.81
N ALA D 6 16.56 13.85 17.94
CA ALA D 6 16.70 14.92 16.94
C ALA D 6 18.12 15.49 16.97
N PHE D 7 18.63 15.94 15.84
CA PHE D 7 20.00 16.49 15.68
C PHE D 7 19.96 17.73 14.79
N THR D 8 20.65 18.78 15.22
CA THR D 8 20.77 20.07 14.51
C THR D 8 21.94 19.94 13.54
N ARG D 9 22.06 20.90 12.64
CA ARG D 9 23.18 20.95 11.67
C ARG D 9 24.52 20.85 12.42
N GLU D 10 24.65 21.53 13.56
CA GLU D 10 25.94 21.59 14.30
C GLU D 10 26.22 20.20 14.87
N ASP D 11 25.19 19.47 15.29
CA ASP D 11 25.34 18.04 15.73
C ASP D 11 25.90 17.22 14.57
N LEU D 12 25.39 17.45 13.35
CA LEU D 12 25.81 16.66 12.18
C LEU D 12 27.24 17.04 11.80
N LEU D 13 27.57 18.32 11.86
CA LEU D 13 28.99 18.77 11.64
C LEU D 13 29.92 18.12 12.69
N ARG D 14 29.52 18.08 13.95
CA ARG D 14 30.30 17.40 15.02
C ARG D 14 30.44 15.91 14.64
N CYS D 15 29.36 15.29 14.15
CA CYS D 15 29.40 13.89 13.65
C CYS D 15 30.46 13.76 12.54
N SER D 16 30.50 14.71 11.60
CA SER D 16 31.45 14.69 10.45
C SER D 16 32.90 14.75 10.94
N ARG D 17 33.14 15.37 12.09
CA ARG D 17 34.49 15.50 12.71
C ARG D 17 34.88 14.22 13.46
N GLY D 18 33.94 13.32 13.74
CA GLY D 18 34.20 12.07 14.50
C GLY D 18 33.94 12.26 15.99
N GLU D 19 33.31 13.38 16.36
CA GLU D 19 33.23 13.85 17.77
C GLU D 19 31.84 13.60 18.33
N LEU D 20 30.92 13.02 17.55
CA LEU D 20 29.56 12.67 18.08
C LEU D 20 29.59 11.21 18.58
N PHE D 21 30.14 10.28 17.82
CA PHE D 21 30.19 8.83 18.15
C PHE D 21 31.62 8.43 18.54
N GLY D 22 32.60 9.35 18.45
CA GLY D 22 33.96 9.11 18.96
C GLY D 22 34.86 8.39 17.95
N PRO D 23 36.16 8.26 18.25
CA PRO D 23 37.13 7.81 17.24
C PRO D 23 36.91 6.35 16.79
N GLY D 24 37.06 6.10 15.49
CA GLY D 24 36.85 4.80 14.84
C GLY D 24 35.40 4.53 14.51
N ASN D 25 34.46 5.44 14.84
CA ASN D 25 33.00 5.19 14.70
C ASN D 25 32.41 6.03 13.55
N ALA D 26 31.12 5.89 13.31
CA ALA D 26 30.43 6.39 12.09
C ALA D 26 30.63 7.90 12.01
N GLN D 27 31.00 8.37 10.83
CA GLN D 27 31.09 9.82 10.47
C GLN D 27 30.14 10.10 9.33
N LEU D 28 29.37 11.17 9.40
CA LEU D 28 28.75 11.79 8.21
C LEU D 28 29.87 12.44 7.42
N PRO D 29 29.66 12.67 6.10
CA PRO D 29 30.58 13.49 5.34
C PRO D 29 30.45 14.93 5.84
N ALA D 30 31.49 15.75 5.63
CA ALA D 30 31.40 17.21 5.84
C ALA D 30 30.93 17.82 4.52
N PRO D 31 30.50 19.10 4.51
CA PRO D 31 30.30 19.82 3.26
C PRO D 31 31.55 19.68 2.38
N ASN D 32 31.40 19.55 1.06
CA ASN D 32 30.16 19.69 0.32
C ASN D 32 29.45 18.34 0.04
N MET D 33 29.93 17.21 0.59
CA MET D 33 29.29 15.88 0.38
C MET D 33 28.13 15.64 1.37
N LEU D 34 28.07 16.36 2.50
CA LEU D 34 26.96 16.23 3.49
C LEU D 34 25.64 16.63 2.82
N MET D 35 24.59 15.80 2.86
CA MET D 35 23.33 16.12 2.13
C MET D 35 22.15 16.22 3.09
N ILE D 36 22.47 16.44 4.36
CA ILE D 36 21.47 16.62 5.46
C ILE D 36 21.82 17.90 6.23
N ASP D 37 20.80 18.69 6.57
CA ASP D 37 20.86 19.86 7.47
C ASP D 37 20.43 19.46 8.88
N ARG D 38 19.39 18.63 9.02
CA ARG D 38 18.90 18.23 10.36
C ARG D 38 18.23 16.85 10.30
N ILE D 39 18.34 16.12 11.40
CA ILE D 39 17.52 14.90 11.66
C ILE D 39 16.40 15.33 12.59
N VAL D 40 15.17 15.37 12.07
CA VAL D 40 13.96 15.82 12.81
C VAL D 40 13.48 14.71 13.74
N HIS D 41 13.65 13.44 13.35
CA HIS D 41 13.21 12.27 14.14
C HIS D 41 14.11 11.08 13.80
N ILE D 42 14.65 10.44 14.84
CA ILE D 42 15.33 9.13 14.72
C ILE D 42 14.90 8.30 15.91
N SER D 43 14.55 7.03 15.68
CA SER D 43 14.09 6.06 16.71
C SER D 43 14.46 4.64 16.27
N ASP D 44 14.67 3.73 17.22
CA ASP D 44 14.98 2.29 16.96
C ASP D 44 13.69 1.45 17.03
N VAL D 45 12.53 2.07 17.29
CA VAL D 45 11.19 1.41 17.27
C VAL D 45 10.26 2.18 16.31
N GLY D 46 9.12 1.57 15.96
CA GLY D 46 8.17 2.13 14.99
C GLY D 46 8.73 2.08 13.58
N GLY D 47 8.25 2.99 12.73
CA GLY D 47 8.49 2.93 11.28
C GLY D 47 7.68 1.82 10.62
N LYS D 48 7.82 1.69 9.32
CA LYS D 48 7.04 0.81 8.42
C LYS D 48 7.19 -0.64 8.89
N TYR D 49 8.34 -0.99 9.47
CA TYR D 49 8.70 -2.40 9.76
C TYR D 49 8.87 -2.61 11.25
N GLY D 50 8.57 -1.59 12.07
CA GLY D 50 8.72 -1.63 13.53
C GLY D 50 10.18 -1.77 13.98
N LYS D 51 11.16 -1.48 13.12
CA LYS D 51 12.60 -1.65 13.42
C LYS D 51 13.31 -0.29 13.42
N GLY D 52 12.55 0.81 13.45
CA GLY D 52 13.10 2.17 13.49
C GLY D 52 12.83 3.00 12.22
N GLU D 53 13.15 4.28 12.33
CA GLU D 53 12.75 5.32 11.35
C GLU D 53 13.69 6.52 11.47
N LEU D 54 14.05 7.14 10.35
CA LEU D 54 14.66 8.50 10.34
C LEU D 54 13.82 9.40 9.46
N VAL D 55 13.66 10.64 9.90
CA VAL D 55 13.12 11.77 9.10
C VAL D 55 14.16 12.88 9.20
N ALA D 56 14.65 13.34 8.05
CA ALA D 56 15.76 14.31 7.95
C ALA D 56 15.40 15.34 6.88
N GLU D 57 16.04 16.50 6.92
CA GLU D 57 15.70 17.61 6.00
C GLU D 57 16.99 18.20 5.42
N LEU D 58 16.90 18.70 4.18
CA LEU D 58 17.92 19.55 3.55
C LEU D 58 17.20 20.79 3.02
N ASP D 59 17.61 21.96 3.47
CA ASP D 59 17.05 23.26 2.99
C ASP D 59 17.62 23.50 1.61
N ILE D 60 16.76 23.94 0.70
CA ILE D 60 17.15 24.28 -0.69
C ILE D 60 17.17 25.81 -0.83
N ASN D 61 18.25 26.30 -1.40
CA ASN D 61 18.32 27.70 -1.86
C ASN D 61 19.07 27.67 -3.20
N PRO D 62 18.90 28.71 -4.03
CA PRO D 62 19.51 28.70 -5.36
C PRO D 62 21.05 28.64 -5.39
N ASP D 63 21.71 28.83 -4.25
CA ASP D 63 23.19 29.01 -4.21
C ASP D 63 23.90 27.71 -3.81
N LEU D 64 23.19 26.62 -3.51
CA LEU D 64 23.85 25.32 -3.22
C LEU D 64 24.76 24.97 -4.39
N TRP D 65 25.98 24.50 -4.10
CA TRP D 65 27.08 24.38 -5.08
C TRP D 65 26.67 23.60 -6.34
N PHE D 66 25.88 22.53 -6.18
CA PHE D 66 25.62 21.53 -7.25
C PHE D 66 24.73 22.15 -8.33
N PHE D 67 23.95 23.20 -8.03
CA PHE D 67 23.01 23.80 -8.99
C PHE D 67 23.76 24.44 -10.17
N ALA D 68 24.93 25.04 -9.94
CA ALA D 68 25.69 25.80 -10.96
C ALA D 68 26.31 24.82 -11.96
N CYS D 69 26.88 23.70 -11.51
CA CYS D 69 27.60 22.74 -12.39
C CYS D 69 26.69 21.60 -12.91
N HIS D 70 25.43 21.52 -12.47
CA HIS D 70 24.52 20.37 -12.72
C HIS D 70 23.09 20.86 -12.96
N PHE D 71 22.78 21.33 -14.19
CA PHE D 71 23.69 21.56 -15.30
C PHE D 71 23.70 23.06 -15.63
N GLU D 72 24.72 23.54 -16.36
CA GLU D 72 24.78 24.96 -16.81
C GLU D 72 23.52 25.23 -17.63
N GLY D 73 22.72 26.20 -17.19
CA GLY D 73 21.46 26.62 -17.82
C GLY D 73 20.31 25.67 -17.53
N ASP D 74 20.50 24.69 -16.64
CA ASP D 74 19.47 23.64 -16.36
C ASP D 74 19.72 23.09 -14.96
N PRO D 75 19.59 23.95 -13.91
CA PRO D 75 20.00 23.55 -12.55
C PRO D 75 19.02 22.51 -11.98
N VAL D 76 19.57 21.44 -11.42
CA VAL D 76 18.76 20.36 -10.79
C VAL D 76 19.64 19.57 -9.82
N MET D 77 19.15 19.31 -8.60
CA MET D 77 19.93 18.53 -7.62
C MET D 77 20.22 17.18 -8.24
N PRO D 78 21.50 16.73 -8.25
CA PRO D 78 21.81 15.39 -8.72
C PRO D 78 21.04 14.34 -7.91
N GLY D 79 20.36 13.42 -8.60
CA GLY D 79 19.68 12.27 -7.97
C GLY D 79 20.64 11.45 -7.11
N CYS D 80 21.89 11.29 -7.55
CA CYS D 80 22.94 10.52 -6.85
C CYS D 80 23.19 11.08 -5.43
N LEU D 81 23.00 12.39 -5.24
CA LEU D 81 23.26 13.06 -3.93
C LEU D 81 22.03 12.89 -3.02
N GLY D 82 20.83 12.84 -3.60
CA GLY D 82 19.60 12.47 -2.84
C GLY D 82 19.70 11.03 -2.38
N LEU D 83 20.18 10.16 -3.25
CA LEU D 83 20.43 8.75 -2.92
C LEU D 83 21.46 8.71 -1.80
N ASP D 84 22.55 9.48 -1.94
CA ASP D 84 23.65 9.42 -0.94
C ASP D 84 23.14 9.86 0.45
N ALA D 85 22.27 10.86 0.51
CA ALA D 85 21.65 11.30 1.79
C ALA D 85 21.03 10.09 2.49
N MET D 86 20.40 9.19 1.74
CA MET D 86 19.70 8.01 2.32
C MET D 86 20.77 7.06 2.89
N TRP D 87 21.87 6.83 2.17
CA TRP D 87 23.01 6.03 2.71
C TRP D 87 23.60 6.72 3.95
N GLN D 88 23.81 8.03 3.89
CA GLN D 88 24.36 8.84 5.02
C GLN D 88 23.47 8.58 6.25
N LEU D 89 22.15 8.62 6.10
CA LEU D 89 21.22 8.47 7.24
C LEU D 89 21.26 7.03 7.79
N VAL D 90 21.39 6.03 6.94
CA VAL D 90 21.42 4.62 7.43
C VAL D 90 22.76 4.42 8.17
N GLY D 91 23.86 4.99 7.68
CA GLY D 91 25.16 4.95 8.39
C GLY D 91 25.07 5.64 9.75
N PHE D 92 24.48 6.82 9.81
CA PHE D 92 24.24 7.58 11.06
C PHE D 92 23.46 6.69 12.03
N TYR D 93 22.41 6.01 11.55
CA TYR D 93 21.55 5.14 12.39
C TYR D 93 22.42 4.08 13.08
N LEU D 94 23.29 3.41 12.33
CA LEU D 94 24.12 2.32 12.89
C LEU D 94 25.05 2.89 13.99
N GLY D 95 25.66 4.06 13.78
CA GLY D 95 26.51 4.73 14.78
C GLY D 95 25.71 5.16 16.00
N TRP D 96 24.50 5.68 15.77
CA TRP D 96 23.58 6.16 16.83
C TRP D 96 23.14 5.00 17.73
N GLN D 97 23.01 3.78 17.20
CA GLN D 97 22.69 2.58 18.01
C GLN D 97 23.89 2.20 18.90
N GLY D 98 25.08 2.76 18.64
CA GLY D 98 26.28 2.52 19.46
C GLY D 98 27.17 1.42 18.89
N ASN D 99 26.99 1.05 17.63
CA ASN D 99 27.90 0.07 16.97
C ASN D 99 29.23 0.75 16.69
N PRO D 100 30.34 -0.02 16.74
CA PRO D 100 31.65 0.51 16.38
C PRO D 100 31.91 0.41 14.87
N GLY D 101 32.77 1.28 14.37
CA GLY D 101 33.33 1.16 13.00
C GLY D 101 32.94 2.31 12.10
N ARG D 102 33.66 2.38 10.97
CA ARG D 102 33.50 3.38 9.89
C ARG D 102 32.41 2.88 8.91
N GLY D 103 31.61 3.82 8.41
CA GLY D 103 30.53 3.59 7.42
C GLY D 103 31.04 3.39 6.00
N ARG D 104 30.52 2.36 5.32
CA ARG D 104 30.58 2.20 3.85
C ARG D 104 29.19 1.79 3.33
N ALA D 105 28.67 2.52 2.36
CA ALA D 105 27.49 2.13 1.57
C ALA D 105 27.82 0.81 0.87
N LEU D 106 26.91 -0.16 0.87
CA LEU D 106 27.15 -1.48 0.18
C LEU D 106 26.30 -1.56 -1.08
N GLY D 107 25.29 -0.71 -1.22
CA GLY D 107 24.48 -0.65 -2.44
C GLY D 107 23.01 -0.51 -2.14
N SER D 108 22.17 -0.90 -3.10
CA SER D 108 20.70 -0.88 -2.98
C SER D 108 20.10 -1.87 -3.97
N GLY D 109 18.85 -2.28 -3.72
CA GLY D 109 18.01 -2.84 -4.79
C GLY D 109 17.60 -1.72 -5.72
N GLU D 110 16.33 -1.68 -6.06
CA GLU D 110 15.77 -0.75 -7.05
C GLU D 110 15.84 0.69 -6.53
N VAL D 111 16.36 1.60 -7.36
CA VAL D 111 16.29 3.07 -7.12
C VAL D 111 15.49 3.67 -8.26
N LYS D 112 14.55 4.57 -7.94
CA LYS D 112 13.72 5.27 -8.95
C LYS D 112 13.76 6.77 -8.68
N PHE D 113 13.99 7.54 -9.73
CA PHE D 113 13.87 9.02 -9.76
C PHE D 113 12.69 9.35 -10.67
N PHE D 114 11.64 9.93 -10.11
CA PHE D 114 10.39 10.25 -10.85
C PHE D 114 9.98 11.69 -10.48
N GLY D 115 10.96 12.55 -10.24
CA GLY D 115 10.77 13.99 -10.02
C GLY D 115 12.11 14.64 -9.75
N GLN D 116 12.16 15.94 -9.50
CA GLN D 116 13.44 16.67 -9.40
C GLN D 116 13.36 17.78 -8.35
N VAL D 117 14.52 18.19 -7.87
CA VAL D 117 14.69 19.34 -6.95
C VAL D 117 15.27 20.50 -7.78
N LEU D 118 14.46 21.52 -8.00
CA LEU D 118 14.85 22.81 -8.65
C LEU D 118 15.37 23.79 -7.62
N PRO D 119 16.15 24.82 -8.03
CA PRO D 119 16.67 25.80 -7.07
C PRO D 119 15.59 26.69 -6.43
N THR D 120 14.35 26.65 -6.94
CA THR D 120 13.17 27.37 -6.40
C THR D 120 12.46 26.55 -5.30
N ALA D 121 12.85 25.31 -5.04
CA ALA D 121 12.24 24.49 -3.96
C ALA D 121 12.67 25.03 -2.59
N LYS D 122 11.89 24.76 -1.54
CA LYS D 122 12.25 25.18 -0.15
C LYS D 122 12.99 24.04 0.57
N LYS D 123 12.45 22.82 0.54
CA LYS D 123 12.91 21.79 1.49
C LYS D 123 12.78 20.37 0.94
N VAL D 124 13.87 19.63 1.04
CA VAL D 124 13.90 18.16 0.77
C VAL D 124 13.70 17.42 2.09
N THR D 125 12.82 16.44 2.11
CA THR D 125 12.64 15.54 3.29
C THR D 125 12.99 14.09 2.91
N TYR D 126 13.80 13.46 3.74
CA TYR D 126 14.18 12.03 3.65
C TYR D 126 13.37 11.27 4.70
N ASN D 127 12.71 10.19 4.29
CA ASN D 127 12.00 9.24 5.18
C ASN D 127 12.68 7.89 4.97
N ILE D 128 13.36 7.40 6.01
CA ILE D 128 14.09 6.08 6.02
C ILE D 128 13.34 5.13 6.95
N HIS D 129 12.97 3.95 6.44
CA HIS D 129 12.39 2.84 7.23
C HIS D 129 13.42 1.73 7.33
N ILE D 130 13.97 1.54 8.52
CA ILE D 130 14.92 0.43 8.82
C ILE D 130 14.14 -0.88 8.70
N LYS D 131 14.64 -1.80 7.90
CA LYS D 131 13.99 -3.10 7.63
C LYS D 131 14.63 -4.17 8.52
N ARG D 132 15.96 -4.19 8.60
CA ARG D 132 16.71 -5.16 9.42
C ARG D 132 18.11 -4.61 9.71
N THR D 133 18.64 -4.88 10.90
CA THR D 133 20.08 -4.73 11.23
C THR D 133 20.63 -6.13 11.52
N ILE D 134 21.91 -6.34 11.20
CA ILE D 134 22.64 -7.61 11.43
C ILE D 134 23.85 -7.29 12.31
N ASN D 135 24.04 -8.00 13.43
CA ASN D 135 25.16 -7.79 14.40
C ASN D 135 26.01 -9.04 14.50
N ARG D 136 26.13 -9.84 13.43
CA ARG D 136 26.78 -11.18 13.47
C ARG D 136 28.27 -10.97 13.63
N SER D 137 29.04 -11.06 12.55
CA SER D 137 30.43 -10.54 12.45
C SER D 137 30.36 -9.12 11.87
N LEU D 138 29.89 -8.99 10.63
CA LEU D 138 29.73 -7.67 9.93
C LEU D 138 28.48 -6.99 10.50
N VAL D 139 28.57 -5.72 10.88
CA VAL D 139 27.40 -4.91 11.31
C VAL D 139 26.83 -4.22 10.07
N LEU D 140 25.55 -4.40 9.74
CA LEU D 140 24.95 -3.70 8.59
C LEU D 140 23.46 -3.51 8.79
N ALA D 141 22.92 -2.56 8.04
CA ALA D 141 21.50 -2.17 8.07
C ALA D 141 21.00 -2.25 6.64
N ILE D 142 19.73 -2.63 6.52
CA ILE D 142 18.95 -2.64 5.27
C ILE D 142 17.73 -1.77 5.55
N ALA D 143 17.39 -0.87 4.61
CA ALA D 143 16.30 0.10 4.77
C ALA D 143 15.67 0.39 3.41
N ASP D 144 14.44 0.87 3.45
CA ASP D 144 13.76 1.52 2.31
C ASP D 144 13.73 3.02 2.63
N GLY D 145 13.76 3.85 1.58
CA GLY D 145 13.78 5.30 1.75
C GLY D 145 13.04 6.00 0.66
N THR D 146 12.49 7.17 0.97
CA THR D 146 11.92 8.08 -0.05
C THR D 146 12.53 9.47 0.13
N VAL D 147 12.69 10.17 -0.99
CA VAL D 147 13.04 11.60 -1.01
C VAL D 147 11.81 12.37 -1.47
N SER D 148 11.45 13.42 -0.75
CA SER D 148 10.33 14.34 -1.08
C SER D 148 10.82 15.80 -1.15
N VAL D 149 10.21 16.59 -2.02
CA VAL D 149 10.53 18.03 -2.12
C VAL D 149 9.21 18.78 -1.90
N ASP D 150 9.13 19.58 -0.83
CA ASP D 150 7.96 20.45 -0.53
C ASP D 150 6.69 19.59 -0.56
N GLY D 151 6.68 18.41 0.09
CA GLY D 151 5.50 17.54 0.23
C GLY D 151 5.44 16.42 -0.81
N ARG D 152 6.12 16.55 -1.94
CA ARG D 152 5.93 15.65 -3.11
C ARG D 152 7.04 14.60 -3.17
N GLU D 153 6.67 13.32 -3.15
CA GLU D 153 7.61 12.17 -3.28
C GLU D 153 8.24 12.23 -4.68
N ILE D 154 9.57 12.11 -4.78
CA ILE D 154 10.26 12.18 -6.10
C ILE D 154 11.25 11.02 -6.29
N TYR D 155 11.88 10.48 -5.23
CA TYR D 155 12.79 9.30 -5.35
C TYR D 155 12.34 8.23 -4.37
N SER D 156 12.65 6.97 -4.72
CA SER D 156 12.47 5.80 -3.83
C SER D 156 13.67 4.89 -4.02
N ALA D 157 14.01 4.19 -2.95
CA ALA D 157 15.10 3.18 -2.94
C ALA D 157 14.62 2.03 -2.08
N GLU D 158 14.75 0.80 -2.58
CA GLU D 158 14.46 -0.41 -1.77
C GLU D 158 15.79 -1.10 -1.49
N GLY D 159 15.97 -1.59 -0.28
CA GLY D 159 17.17 -2.37 0.07
C GLY D 159 18.44 -1.54 0.05
N LEU D 160 18.37 -0.28 0.49
CA LEU D 160 19.61 0.47 0.88
C LEU D 160 20.37 -0.39 1.89
N ARG D 161 21.66 -0.63 1.64
CA ARG D 161 22.55 -1.41 2.56
C ARG D 161 23.75 -0.53 2.94
N VAL D 162 24.03 -0.41 4.23
CA VAL D 162 25.26 0.27 4.74
C VAL D 162 25.89 -0.67 5.78
N GLY D 163 27.21 -0.76 5.75
CA GLY D 163 27.99 -1.57 6.70
C GLY D 163 28.90 -0.69 7.56
N LEU D 164 29.22 -1.16 8.76
CA LEU D 164 30.25 -0.58 9.64
C LEU D 164 31.46 -1.51 9.62
N PHE D 165 32.65 -0.92 9.47
CA PHE D 165 33.94 -1.64 9.32
C PHE D 165 34.89 -1.14 10.41
N THR D 166 35.37 -2.04 11.27
CA THR D 166 36.42 -1.74 12.28
C THR D 166 37.80 -1.62 11.61
N SER D 167 37.99 -2.11 10.37
CA SER D 167 39.19 -1.89 9.51
C SER D 167 38.76 -1.67 8.04
N THR D 168 39.32 -0.67 7.32
CA THR D 168 39.03 -0.34 5.90
C THR D 168 40.32 -0.10 5.10
N MET E 1 26.95 11.79 -34.87
CA MET E 1 28.31 11.79 -34.24
C MET E 1 28.87 10.36 -34.12
N THR E 2 28.23 9.40 -34.77
CA THR E 2 28.32 7.92 -34.52
C THR E 2 29.65 7.40 -35.09
N LYS E 3 30.36 8.20 -35.89
CA LYS E 3 31.68 7.83 -36.43
C LYS E 3 32.77 8.21 -35.42
N GLN E 4 32.56 9.12 -34.44
CA GLN E 4 33.61 9.45 -33.43
C GLN E 4 33.48 8.49 -32.24
N HIS E 5 34.57 7.78 -31.94
CA HIS E 5 34.58 6.65 -30.97
C HIS E 5 35.40 6.99 -29.74
N ALA E 6 35.90 8.22 -29.58
CA ALA E 6 36.69 8.65 -28.40
C ALA E 6 36.51 10.15 -28.16
N PHE E 7 36.56 10.57 -26.90
CA PHE E 7 36.39 11.98 -26.51
C PHE E 7 37.38 12.31 -25.40
N THR E 8 38.03 13.47 -25.56
CA THR E 8 39.05 13.99 -24.64
C THR E 8 38.35 14.76 -23.52
N ARG E 9 39.08 15.10 -22.47
CA ARG E 9 38.53 15.93 -21.38
C ARG E 9 37.89 17.21 -21.95
N GLU E 10 38.54 17.82 -22.93
CA GLU E 10 38.12 19.14 -23.48
C GLU E 10 36.77 18.92 -24.20
N ASP E 11 36.59 17.77 -24.89
CA ASP E 11 35.30 17.40 -25.52
C ASP E 11 34.22 17.35 -24.44
N LEU E 12 34.54 16.76 -23.28
CA LEU E 12 33.55 16.54 -22.23
C LEU E 12 33.23 17.89 -21.58
N LEU E 13 34.24 18.73 -21.36
CA LEU E 13 34.01 20.09 -20.81
C LEU E 13 33.12 20.87 -21.78
N ARG E 14 33.41 20.82 -23.08
CA ARG E 14 32.57 21.48 -24.10
C ARG E 14 31.16 20.89 -24.02
N CYS E 15 31.02 19.57 -23.87
CA CYS E 15 29.68 18.91 -23.67
C CYS E 15 28.97 19.55 -22.47
N SER E 16 29.66 19.74 -21.35
CA SER E 16 29.10 20.32 -20.10
C SER E 16 28.57 21.75 -20.32
N ARG E 17 29.15 22.48 -21.27
CA ARG E 17 28.76 23.88 -21.60
C ARG E 17 27.58 23.89 -22.55
N GLY E 18 27.22 22.76 -23.16
CA GLY E 18 26.14 22.66 -24.16
C GLY E 18 26.66 22.91 -25.58
N GLU E 19 27.96 22.81 -25.78
CA GLU E 19 28.67 23.19 -27.03
C GLU E 19 29.06 21.93 -27.81
N LEU E 20 28.72 20.73 -27.34
CA LEU E 20 28.98 19.49 -28.10
C LEU E 20 27.70 19.10 -28.83
N PHE E 21 26.56 19.02 -28.13
CA PHE E 21 25.28 18.59 -28.73
C PHE E 21 24.34 19.81 -28.89
N GLY E 22 24.75 21.00 -28.49
CA GLY E 22 24.00 22.26 -28.70
C GLY E 22 23.04 22.52 -27.53
N PRO E 23 22.62 23.80 -27.31
CA PRO E 23 21.72 24.12 -26.19
C PRO E 23 20.36 23.39 -26.28
N GLY E 24 19.83 22.94 -25.15
CA GLY E 24 18.58 22.16 -25.06
C GLY E 24 18.82 20.66 -25.20
N ASN E 25 20.07 20.26 -25.48
CA ASN E 25 20.43 18.84 -25.72
C ASN E 25 21.31 18.34 -24.56
N ALA E 26 21.71 17.06 -24.61
CA ALA E 26 22.37 16.36 -23.49
C ALA E 26 23.62 17.15 -23.07
N GLN E 27 23.76 17.40 -21.77
CA GLN E 27 24.94 18.01 -21.16
C GLN E 27 25.49 17.04 -20.12
N LEU E 28 26.80 16.84 -20.08
CA LEU E 28 27.48 16.31 -18.89
C LEU E 28 27.42 17.40 -17.82
N PRO E 29 27.57 17.05 -16.53
CA PRO E 29 27.81 18.06 -15.50
C PRO E 29 29.19 18.67 -15.74
N ALA E 30 29.40 19.90 -15.25
CA ALA E 30 30.73 20.54 -15.20
C ALA E 30 31.40 20.13 -13.89
N PRO E 31 32.72 20.35 -13.71
CA PRO E 31 33.31 20.24 -12.37
C PRO E 31 32.49 21.07 -11.37
N ASN E 32 32.30 20.58 -10.14
CA ASN E 32 32.94 19.41 -9.56
C ASN E 32 32.08 18.13 -9.67
N MET E 33 30.92 18.17 -10.34
CA MET E 33 30.01 16.99 -10.44
C MET E 33 30.42 16.06 -11.60
N LEU E 34 31.21 16.55 -12.57
CA LEU E 34 31.73 15.73 -13.70
C LEU E 34 32.59 14.60 -13.14
N MET E 35 32.33 13.34 -13.47
CA MET E 35 33.08 12.19 -12.86
C MET E 35 33.82 11.40 -13.92
N ILE E 36 34.04 12.02 -15.09
CA ILE E 36 34.74 11.41 -16.24
C ILE E 36 35.80 12.41 -16.73
N ASP E 37 37.00 11.91 -17.03
CA ASP E 37 38.11 12.65 -17.67
C ASP E 37 38.14 12.36 -19.17
N ARG E 38 37.90 11.11 -19.59
CA ARG E 38 37.91 10.78 -21.03
C ARG E 38 37.01 9.57 -21.32
N ILE E 39 36.43 9.55 -22.51
CA ILE E 39 35.75 8.36 -23.08
C ILE E 39 36.75 7.74 -24.06
N VAL E 40 37.29 6.58 -23.69
CA VAL E 40 38.33 5.85 -24.46
C VAL E 40 37.68 5.13 -25.64
N HIS E 41 36.45 4.63 -25.46
CA HIS E 41 35.69 3.89 -26.52
C HIS E 41 34.20 4.11 -26.30
N ILE E 42 33.50 4.48 -27.36
CA ILE E 42 32.02 4.53 -27.41
C ILE E 42 31.62 4.01 -28.78
N SER E 43 30.60 3.13 -28.84
CA SER E 43 30.10 2.47 -30.06
C SER E 43 28.62 2.10 -29.85
N ASP E 44 27.85 2.03 -30.94
CA ASP E 44 26.42 1.59 -30.94
C ASP E 44 26.32 0.08 -31.29
N VAL E 45 27.45 -0.61 -31.51
CA VAL E 45 27.52 -2.09 -31.73
C VAL E 45 28.49 -2.69 -30.70
N GLY E 46 28.47 -4.03 -30.59
CA GLY E 46 29.28 -4.78 -29.60
C GLY E 46 28.77 -4.54 -28.19
N GLY E 47 29.64 -4.73 -27.20
CA GLY E 47 29.28 -4.83 -25.79
C GLY E 47 28.58 -6.13 -25.45
N LYS E 48 28.23 -6.31 -24.19
CA LYS E 48 27.65 -7.53 -23.58
C LYS E 48 26.38 -7.96 -24.34
N TYR E 49 25.63 -7.01 -24.90
CA TYR E 49 24.28 -7.28 -25.47
C TYR E 49 24.28 -6.98 -26.96
N GLY E 50 25.43 -6.62 -27.54
CA GLY E 50 25.53 -6.25 -28.95
C GLY E 50 24.80 -4.94 -29.27
N LYS E 51 24.46 -4.11 -28.26
CA LYS E 51 23.67 -2.87 -28.50
C LYS E 51 24.50 -1.64 -28.17
N GLY E 52 25.81 -1.79 -28.01
CA GLY E 52 26.73 -0.67 -27.74
C GLY E 52 27.48 -0.79 -26.44
N GLU E 53 28.46 0.10 -26.25
CA GLU E 53 29.46 0.01 -25.16
C GLU E 53 30.09 1.40 -24.94
N LEU E 54 30.37 1.77 -23.69
CA LEU E 54 31.31 2.87 -23.35
C LEU E 54 32.40 2.30 -22.44
N VAL E 55 33.64 2.74 -22.66
CA VAL E 55 34.78 2.62 -21.72
C VAL E 55 35.31 4.05 -21.48
N ALA E 56 35.40 4.45 -20.22
CA ALA E 56 35.69 5.84 -19.79
C ALA E 56 36.62 5.77 -18.59
N GLU E 57 37.34 6.86 -18.33
CA GLU E 57 38.35 6.87 -17.23
C GLU E 57 38.20 8.14 -16.40
N LEU E 58 38.53 8.02 -15.12
CA LEU E 58 38.74 9.18 -14.22
C LEU E 58 40.09 9.00 -13.55
N ASP E 59 40.99 9.96 -13.73
CA ASP E 59 42.31 9.98 -13.07
C ASP E 59 42.08 10.36 -11.61
N ILE E 60 42.77 9.66 -10.70
CA ILE E 60 42.70 9.92 -9.25
C ILE E 60 44.01 10.59 -8.80
N ASN E 61 43.88 11.63 -8.00
CA ASN E 61 45.02 12.21 -7.25
C ASN E 61 44.48 12.56 -5.87
N PRO E 62 45.37 12.70 -4.87
CA PRO E 62 44.92 12.94 -3.50
C PRO E 62 44.14 14.24 -3.28
N ASP E 63 44.15 15.16 -4.26
CA ASP E 63 43.63 16.55 -4.08
C ASP E 63 42.21 16.68 -4.66
N LEU E 64 41.63 15.64 -5.25
CA LEU E 64 40.21 15.66 -5.69
C LEU E 64 39.34 16.05 -4.49
N TRP E 65 38.41 16.96 -4.71
CA TRP E 65 37.67 17.69 -3.65
C TRP E 65 37.02 16.73 -2.65
N PHE E 66 36.48 15.60 -3.12
CA PHE E 66 35.59 14.72 -2.33
C PHE E 66 36.41 13.98 -1.26
N PHE E 67 37.72 13.82 -1.43
CA PHE E 67 38.57 13.08 -0.46
C PHE E 67 38.63 13.79 0.90
N ALA E 68 38.65 15.11 0.92
CA ALA E 68 38.83 15.93 2.16
C ALA E 68 37.56 15.84 3.02
N CYS E 69 36.36 15.93 2.41
CA CYS E 69 35.08 16.00 3.15
C CYS E 69 34.43 14.61 3.32
N HIS E 70 35.00 13.55 2.74
CA HIS E 70 34.37 12.20 2.66
C HIS E 70 35.42 11.11 2.83
N PHE E 71 35.80 10.79 4.08
CA PHE E 71 35.44 11.50 5.31
C PHE E 71 36.71 12.11 5.93
N GLU E 72 36.54 13.08 6.84
CA GLU E 72 37.68 13.70 7.58
C GLU E 72 38.44 12.58 8.28
N GLY E 73 39.71 12.38 7.94
CA GLY E 73 40.60 11.36 8.51
C GLY E 73 40.35 9.97 7.92
N ASP E 74 39.49 9.85 6.90
CA ASP E 74 39.12 8.53 6.30
C ASP E 74 38.70 8.76 4.85
N PRO E 75 39.64 9.23 3.99
CA PRO E 75 39.29 9.65 2.64
C PRO E 75 38.90 8.45 1.77
N VAL E 76 37.76 8.57 1.06
CA VAL E 76 37.29 7.51 0.12
C VAL E 76 36.32 8.14 -0.88
N MET E 77 36.48 7.81 -2.17
CA MET E 77 35.56 8.36 -3.20
C MET E 77 34.15 7.90 -2.86
N PRO E 78 33.18 8.82 -2.79
CA PRO E 78 31.79 8.43 -2.56
C PRO E 78 31.34 7.45 -3.66
N GLY E 79 30.76 6.33 -3.25
CA GLY E 79 30.16 5.35 -4.20
C GLY E 79 29.13 6.02 -5.10
N CYS E 80 28.34 6.95 -4.55
CA CYS E 80 27.25 7.66 -5.27
C CYS E 80 27.83 8.39 -6.50
N LEU E 81 29.09 8.83 -6.46
CA LEU E 81 29.72 9.59 -7.57
C LEU E 81 30.26 8.63 -8.62
N GLY E 82 30.69 7.43 -8.24
CA GLY E 82 31.00 6.37 -9.21
C GLY E 82 29.74 5.89 -9.91
N LEU E 83 28.66 5.76 -9.15
CA LEU E 83 27.33 5.43 -9.73
C LEU E 83 26.96 6.56 -10.71
N ASP E 84 27.12 7.82 -10.30
CA ASP E 84 26.69 8.96 -11.14
C ASP E 84 27.47 8.98 -12.46
N ALA E 85 28.76 8.65 -12.43
CA ALA E 85 29.59 8.54 -13.67
C ALA E 85 28.88 7.64 -14.67
N MET E 86 28.28 6.55 -14.19
CA MET E 86 27.64 5.54 -15.07
C MET E 86 26.38 6.18 -15.69
N TRP E 87 25.59 6.91 -14.90
CA TRP E 87 24.43 7.69 -15.43
C TRP E 87 24.89 8.76 -16.43
N GLN E 88 25.97 9.49 -16.09
CA GLN E 88 26.57 10.54 -16.96
C GLN E 88 26.87 9.89 -18.31
N LEU E 89 27.50 8.71 -18.32
CA LEU E 89 27.94 8.05 -19.58
C LEU E 89 26.71 7.60 -20.39
N VAL E 90 25.67 7.09 -19.74
CA VAL E 90 24.46 6.63 -20.48
C VAL E 90 23.76 7.87 -21.08
N GLY E 91 23.71 8.98 -20.35
CA GLY E 91 23.17 10.25 -20.88
C GLY E 91 23.96 10.74 -22.09
N PHE E 92 25.29 10.72 -21.99
CA PHE E 92 26.20 11.09 -23.11
C PHE E 92 25.87 10.22 -24.32
N TYR E 93 25.70 8.91 -24.12
CA TYR E 93 25.39 7.94 -25.20
C TYR E 93 24.15 8.40 -25.97
N LEU E 94 23.08 8.75 -25.26
CA LEU E 94 21.81 9.17 -25.90
C LEU E 94 22.02 10.44 -26.74
N GLY E 95 22.78 11.42 -26.24
CA GLY E 95 23.10 12.66 -26.98
C GLY E 95 23.97 12.34 -28.20
N TRP E 96 24.95 11.44 -28.04
CA TRP E 96 25.91 11.03 -29.09
C TRP E 96 25.16 10.32 -30.24
N GLN E 97 24.06 9.60 -29.96
CA GLN E 97 23.22 8.99 -31.01
C GLN E 97 22.44 10.08 -31.78
N GLY E 98 22.43 11.32 -31.31
CA GLY E 98 21.81 12.46 -32.00
C GLY E 98 20.40 12.77 -31.49
N ASN E 99 19.99 12.22 -30.35
CA ASN E 99 18.66 12.52 -29.77
C ASN E 99 18.67 13.92 -29.17
N PRO E 100 17.52 14.64 -29.24
CA PRO E 100 17.40 15.96 -28.61
C PRO E 100 16.93 15.82 -27.16
N GLY E 101 17.12 16.87 -26.35
CA GLY E 101 16.53 17.05 -25.01
C GLY E 101 17.56 16.99 -23.89
N ARG E 102 17.12 17.37 -22.70
CA ARG E 102 17.94 17.39 -21.45
C ARG E 102 17.94 16.00 -20.80
N GLY E 103 19.08 15.60 -20.24
CA GLY E 103 19.30 14.33 -19.52
C GLY E 103 18.74 14.33 -18.11
N ARG E 104 18.02 13.27 -17.73
CA ARG E 104 17.67 12.93 -16.33
C ARG E 104 17.91 11.44 -16.09
N ALA E 105 18.72 11.09 -15.09
CA ALA E 105 18.83 9.71 -14.56
C ALA E 105 17.43 9.29 -14.08
N LEU E 106 16.98 8.09 -14.38
CA LEU E 106 15.63 7.60 -13.96
C LEU E 106 15.79 6.54 -12.87
N GLY E 107 16.97 5.98 -12.71
CA GLY E 107 17.26 5.06 -11.60
C GLY E 107 18.10 3.90 -12.03
N SER E 108 18.02 2.81 -11.28
CA SER E 108 18.74 1.55 -11.56
C SER E 108 18.03 0.41 -10.84
N GLY E 109 18.24 -0.83 -11.32
CA GLY E 109 18.01 -2.03 -10.50
C GLY E 109 19.08 -2.10 -9.44
N GLU E 110 19.67 -3.26 -9.26
CA GLU E 110 20.64 -3.53 -8.17
C GLU E 110 21.92 -2.72 -8.37
N VAL E 111 22.38 -2.04 -7.32
CA VAL E 111 23.73 -1.44 -7.24
C VAL E 111 24.49 -2.15 -6.13
N LYS E 112 25.75 -2.50 -6.37
CA LYS E 112 26.64 -3.11 -5.35
C LYS E 112 27.97 -2.36 -5.33
N PHE E 113 28.40 -2.00 -4.13
CA PHE E 113 29.74 -1.47 -3.80
C PHE E 113 30.45 -2.55 -2.99
N PHE E 114 31.51 -3.13 -3.52
CA PHE E 114 32.28 -4.22 -2.87
C PHE E 114 33.77 -3.88 -2.95
N GLY E 115 34.12 -2.59 -2.92
CA GLY E 115 35.50 -2.10 -2.95
C GLY E 115 35.50 -0.58 -2.87
N GLN E 116 36.66 0.07 -2.84
CA GLN E 116 36.72 1.53 -2.65
C GLN E 116 37.84 2.16 -3.47
N VAL E 117 37.72 3.46 -3.70
CA VAL E 117 38.77 4.30 -4.33
C VAL E 117 39.43 5.12 -3.22
N LEU E 118 40.68 4.80 -2.89
CA LEU E 118 41.54 5.58 -1.94
C LEU E 118 42.28 6.69 -2.68
N PRO E 119 42.77 7.74 -1.98
CA PRO E 119 43.49 8.83 -2.65
C PRO E 119 44.85 8.44 -3.23
N THR E 120 45.33 7.22 -2.92
CA THR E 120 46.58 6.63 -3.46
C THR E 120 46.33 5.91 -4.80
N ALA E 121 45.09 5.76 -5.26
CA ALA E 121 44.77 5.06 -6.52
C ALA E 121 45.20 5.96 -7.70
N LYS E 122 45.45 5.38 -8.87
CA LYS E 122 45.85 6.11 -10.10
C LYS E 122 44.60 6.38 -10.97
N LYS E 123 43.81 5.34 -11.26
CA LYS E 123 42.81 5.45 -12.34
C LYS E 123 41.58 4.57 -12.09
N VAL E 124 40.41 5.20 -12.22
CA VAL E 124 39.09 4.51 -12.24
C VAL E 124 38.70 4.27 -13.69
N THR E 125 38.23 3.05 -14.01
CA THR E 125 37.67 2.72 -15.35
C THR E 125 36.19 2.33 -15.22
N TYR E 126 35.35 2.95 -16.05
CA TYR E 126 33.91 2.64 -16.19
C TYR E 126 33.70 1.83 -17.47
N ASN E 127 32.96 0.73 -17.35
CA ASN E 127 32.55 -0.13 -18.49
C ASN E 127 31.02 -0.13 -18.47
N ILE E 128 30.40 0.44 -19.51
CA ILE E 128 28.93 0.53 -19.69
C ILE E 128 28.51 -0.37 -20.87
N HIS E 129 27.57 -1.27 -20.64
CA HIS E 129 26.97 -2.13 -21.69
C HIS E 129 25.53 -1.70 -21.90
N ILE E 130 25.24 -1.07 -23.03
CA ILE E 130 23.88 -0.66 -23.43
C ILE E 130 23.05 -1.93 -23.65
N LYS E 131 21.89 -2.01 -23.01
CA LYS E 131 20.95 -3.14 -23.10
C LYS E 131 19.87 -2.85 -24.12
N ARG E 132 19.29 -1.65 -24.09
CA ARG E 132 18.15 -1.26 -24.97
C ARG E 132 18.00 0.26 -24.96
N THR E 133 17.61 0.85 -26.09
CA THR E 133 17.14 2.25 -26.21
C THR E 133 15.68 2.20 -26.67
N ILE E 134 14.86 3.17 -26.25
CA ILE E 134 13.40 3.22 -26.50
C ILE E 134 13.08 4.61 -27.06
N ASN E 135 12.36 4.70 -28.19
CA ASN E 135 11.87 5.97 -28.80
C ASN E 135 10.34 5.89 -28.92
N LEU E 138 8.83 8.94 -25.03
CA LEU E 138 10.04 9.45 -24.34
C LEU E 138 11.26 8.61 -24.74
N VAL E 139 12.41 9.26 -24.95
CA VAL E 139 13.69 8.64 -25.38
C VAL E 139 14.45 8.22 -24.11
N LEU E 140 14.84 6.96 -24.01
CA LEU E 140 15.60 6.49 -22.83
C LEU E 140 16.45 5.28 -23.19
N ALA E 141 17.44 5.04 -22.36
CA ALA E 141 18.45 3.98 -22.49
C ALA E 141 18.46 3.21 -21.18
N ILE E 142 18.72 1.91 -21.29
CA ILE E 142 18.90 0.96 -20.17
C ILE E 142 20.27 0.33 -20.40
N ALA E 143 21.09 0.18 -19.36
CA ALA E 143 22.47 -0.34 -19.42
C ALA E 143 22.85 -1.05 -18.13
N ASP E 144 23.86 -1.91 -18.19
CA ASP E 144 24.62 -2.44 -17.03
C ASP E 144 25.99 -1.76 -17.04
N GLY E 145 26.60 -1.61 -15.87
CA GLY E 145 27.86 -0.88 -15.72
C GLY E 145 28.70 -1.47 -14.61
N THR E 146 30.02 -1.40 -14.73
CA THR E 146 30.97 -1.78 -13.65
C THR E 146 32.02 -0.68 -13.51
N VAL E 147 32.48 -0.48 -12.29
CA VAL E 147 33.55 0.49 -11.95
C VAL E 147 34.74 -0.34 -11.45
N SER E 148 35.92 -0.04 -11.96
CA SER E 148 37.20 -0.67 -11.57
C SER E 148 38.22 0.41 -11.17
N VAL E 149 39.11 0.09 -10.24
CA VAL E 149 40.19 1.01 -9.84
C VAL E 149 41.49 0.23 -10.00
N ASP E 150 42.40 0.69 -10.88
CA ASP E 150 43.77 0.11 -11.02
C ASP E 150 43.67 -1.42 -11.18
N GLY E 151 42.81 -1.92 -12.09
CA GLY E 151 42.69 -3.35 -12.42
C GLY E 151 41.56 -4.06 -11.69
N ARG E 152 41.09 -3.52 -10.56
CA ARG E 152 40.21 -4.27 -9.63
C ARG E 152 38.76 -3.78 -9.77
N GLU E 153 37.83 -4.69 -10.08
CA GLU E 153 36.37 -4.42 -10.08
C GLU E 153 35.90 -4.07 -8.66
N ILE E 154 35.17 -2.97 -8.47
CA ILE E 154 34.70 -2.55 -7.11
C ILE E 154 33.20 -2.24 -7.07
N TYR E 155 32.58 -1.74 -8.13
CA TYR E 155 31.11 -1.46 -8.16
C TYR E 155 30.46 -2.14 -9.37
N SER E 156 29.17 -2.47 -9.26
CA SER E 156 28.29 -2.90 -10.38
C SER E 156 26.91 -2.26 -10.22
N ALA E 157 26.25 -2.05 -11.34
CA ALA E 157 24.85 -1.57 -11.43
C ALA E 157 24.17 -2.34 -12.57
N GLU E 158 22.97 -2.85 -12.32
CA GLU E 158 22.12 -3.47 -13.36
C GLU E 158 20.94 -2.53 -13.62
N GLY E 159 20.55 -2.36 -14.88
CA GLY E 159 19.36 -1.59 -15.26
C GLY E 159 19.49 -0.11 -14.93
N LEU E 160 20.67 0.48 -15.11
CA LEU E 160 20.83 1.95 -15.19
C LEU E 160 19.84 2.45 -16.25
N ARG E 161 19.01 3.44 -15.92
CA ARG E 161 18.04 4.07 -16.85
C ARG E 161 18.31 5.59 -16.91
N VAL E 162 18.45 6.13 -18.11
CA VAL E 162 18.55 7.61 -18.31
C VAL E 162 17.54 8.00 -19.40
N GLY E 163 16.87 9.13 -19.22
CA GLY E 163 15.89 9.68 -20.18
C GLY E 163 16.33 11.03 -20.71
N LEU E 164 15.90 11.37 -21.92
CA LEU E 164 16.05 12.72 -22.52
C LEU E 164 14.67 13.38 -22.52
N PHE E 165 14.60 14.64 -22.09
CA PHE E 165 13.35 15.42 -21.91
C PHE E 165 13.43 16.68 -22.78
N THR E 166 12.52 16.79 -23.75
CA THR E 166 12.38 17.98 -24.62
C THR E 166 11.57 19.02 -23.83
N SER E 167 11.39 20.20 -24.44
CA SER E 167 10.70 21.39 -23.90
C SER E 167 9.27 21.04 -23.44
N THR E 168 8.63 20.05 -24.07
CA THR E 168 7.22 19.68 -23.82
C THR E 168 7.13 18.60 -22.74
N ASP E 169 8.26 17.99 -22.33
CA ASP E 169 8.32 16.83 -21.42
C ASP E 169 8.46 17.28 -19.95
N SER E 170 7.41 17.00 -19.16
CA SER E 170 7.31 17.28 -17.70
C SER E 170 7.81 16.07 -16.89
N PHE E 171 8.33 16.37 -15.70
CA PHE E 171 9.08 15.42 -14.85
C PHE E 171 8.89 15.79 -13.38
#